data_2EM3
#
_entry.id   2EM3
#
loop_
_entity.id
_entity.type
_entity.pdbx_description
1 polymer 'Zinc finger protein 28 homolog'
2 non-polymer 'ZINC ION'
#
_entity_poly.entity_id   1
_entity_poly.type   'polypeptide(L)'
_entity_poly.pdbx_seq_one_letter_code
;GSSGSSGTGEKPYECKVCSKAFTQKAHLAQHQKTHTGEKPSGPSSG
;
_entity_poly.pdbx_strand_id   A
#
# COMPACT_ATOMS: atom_id res chain seq x y z
N GLY A 1 16.99 9.61 -6.97
CA GLY A 1 15.95 8.62 -7.15
C GLY A 1 15.48 8.01 -5.85
N SER A 2 14.17 7.82 -5.71
CA SER A 2 13.60 7.26 -4.50
C SER A 2 14.40 6.04 -4.03
N SER A 3 14.37 5.79 -2.73
CA SER A 3 15.10 4.67 -2.15
C SER A 3 14.22 3.87 -1.19
N GLY A 4 14.25 2.56 -1.33
CA GLY A 4 13.44 1.70 -0.49
C GLY A 4 14.04 1.50 0.89
N SER A 5 14.54 2.60 1.47
CA SER A 5 15.16 2.55 2.80
C SER A 5 14.09 2.39 3.89
N SER A 6 14.39 1.52 4.86
CA SER A 6 13.45 1.28 5.96
C SER A 6 14.21 1.07 7.27
N GLY A 7 13.49 1.23 8.38
CA GLY A 7 14.12 1.04 9.68
C GLY A 7 14.13 -0.40 10.13
N THR A 8 15.03 -0.73 11.06
CA THR A 8 15.14 -2.09 11.56
C THR A 8 13.76 -2.72 11.76
N GLY A 9 13.38 -3.58 10.83
CA GLY A 9 12.09 -4.24 10.92
C GLY A 9 11.24 -4.05 9.68
N GLU A 10 10.03 -4.58 9.70
CA GLU A 10 9.12 -4.47 8.57
C GLU A 10 7.66 -4.51 9.02
N LYS A 11 6.84 -3.67 8.40
CA LYS A 11 5.42 -3.60 8.74
C LYS A 11 4.64 -4.72 8.04
N PRO A 12 3.63 -5.26 8.73
CA PRO A 12 2.79 -6.34 8.20
C PRO A 12 1.88 -5.85 7.07
N TYR A 13 1.56 -4.56 7.08
CA TYR A 13 0.71 -3.97 6.06
C TYR A 13 1.51 -3.07 5.12
N GLU A 14 1.49 -3.39 3.84
CA GLU A 14 2.22 -2.61 2.85
C GLU A 14 1.42 -2.52 1.54
N CYS A 15 1.50 -1.37 0.89
CA CYS A 15 0.79 -1.14 -0.36
C CYS A 15 1.65 -1.55 -1.55
N LYS A 16 1.02 -1.69 -2.71
CA LYS A 16 1.72 -2.09 -3.93
C LYS A 16 1.81 -0.91 -4.91
N VAL A 17 0.70 -0.21 -5.09
CA VAL A 17 0.66 0.93 -5.99
C VAL A 17 1.61 2.02 -5.54
N CYS A 18 1.41 2.50 -4.31
CA CYS A 18 2.24 3.55 -3.76
C CYS A 18 3.47 2.97 -3.06
N SER A 19 3.33 1.75 -2.54
CA SER A 19 4.42 1.08 -1.85
C SER A 19 4.64 1.69 -0.47
N LYS A 20 3.55 2.03 0.20
CA LYS A 20 3.63 2.63 1.54
C LYS A 20 3.25 1.60 2.61
N ALA A 21 3.90 1.70 3.76
CA ALA A 21 3.63 0.80 4.87
C ALA A 21 2.76 1.46 5.94
N PHE A 22 1.83 0.70 6.49
CA PHE A 22 0.93 1.23 7.52
C PHE A 22 1.05 0.42 8.81
N THR A 23 0.74 1.05 9.93
CA THR A 23 0.82 0.39 11.22
C THR A 23 -0.37 -0.54 11.43
N GLN A 24 -1.52 -0.17 10.88
CA GLN A 24 -2.73 -0.98 11.00
C GLN A 24 -3.39 -1.20 9.65
N LYS A 25 -4.32 -2.14 9.59
CA LYS A 25 -5.02 -2.45 8.36
C LYS A 25 -6.06 -1.36 8.03
N ALA A 26 -6.79 -0.93 9.04
CA ALA A 26 -7.80 0.11 8.87
C ALA A 26 -7.26 1.28 8.06
N HIS A 27 -6.02 1.66 8.34
CA HIS A 27 -5.39 2.77 7.63
C HIS A 27 -5.15 2.41 6.17
N LEU A 28 -4.50 1.28 5.93
CA LEU A 28 -4.21 0.82 4.58
C LEU A 28 -5.50 0.64 3.78
N ALA A 29 -6.37 -0.23 4.27
CA ALA A 29 -7.64 -0.50 3.60
C ALA A 29 -8.32 0.81 3.18
N GLN A 30 -8.38 1.76 4.10
CA GLN A 30 -9.01 3.05 3.83
C GLN A 30 -8.21 3.82 2.78
N HIS A 31 -6.88 3.80 2.90
CA HIS A 31 -6.01 4.50 1.97
C HIS A 31 -6.32 4.10 0.54
N GLN A 32 -6.36 2.78 0.29
CA GLN A 32 -6.66 2.28 -1.05
C GLN A 32 -7.71 3.12 -1.74
N LYS A 33 -8.80 3.39 -1.03
CA LYS A 33 -9.89 4.20 -1.57
C LYS A 33 -9.36 5.34 -2.43
N THR A 34 -8.33 6.01 -1.92
CA THR A 34 -7.72 7.13 -2.64
C THR A 34 -7.22 6.69 -4.02
N HIS A 35 -6.43 5.62 -4.04
CA HIS A 35 -5.88 5.10 -5.28
C HIS A 35 -6.96 5.03 -6.36
N THR A 36 -8.14 4.57 -5.99
CA THR A 36 -9.25 4.45 -6.92
C THR A 36 -8.80 3.86 -8.25
N GLY A 37 -7.93 2.85 -8.17
CA GLY A 37 -7.43 2.21 -9.37
C GLY A 37 -7.48 0.69 -9.29
N GLU A 38 -7.68 0.05 -10.42
CA GLU A 38 -7.75 -1.41 -10.47
C GLU A 38 -6.57 -1.99 -11.24
N LYS A 39 -5.60 -2.53 -10.50
CA LYS A 39 -4.41 -3.11 -11.11
C LYS A 39 -4.22 -4.56 -10.64
N PRO A 40 -3.52 -5.35 -11.45
CA PRO A 40 -3.24 -6.76 -11.15
C PRO A 40 -2.27 -6.92 -9.98
N SER A 41 -1.90 -8.17 -9.69
CA SER A 41 -0.98 -8.46 -8.60
C SER A 41 0.47 -8.40 -9.09
N GLY A 42 1.23 -7.43 -8.58
CA GLY A 42 2.61 -7.30 -8.98
C GLY A 42 3.47 -8.47 -8.51
N PRO A 43 4.79 -8.38 -8.77
CA PRO A 43 5.74 -9.43 -8.39
C PRO A 43 5.94 -9.49 -6.87
N SER A 44 6.83 -10.38 -6.44
CA SER A 44 7.11 -10.55 -5.02
C SER A 44 5.83 -10.83 -4.23
N SER A 45 4.98 -11.69 -4.80
CA SER A 45 3.72 -12.03 -4.15
C SER A 45 3.94 -12.44 -2.69
N GLY A 46 4.92 -13.31 -2.47
CA GLY A 46 5.21 -13.77 -1.13
C GLY A 46 4.10 -14.60 -0.53
N GLY A 1 21.03 13.89 -7.37
CA GLY A 1 20.16 12.88 -6.76
C GLY A 1 20.16 12.97 -5.25
N SER A 2 19.16 12.36 -4.63
CA SER A 2 19.05 12.36 -3.17
C SER A 2 18.91 10.95 -2.63
N SER A 3 19.55 10.68 -1.50
CA SER A 3 19.49 9.37 -0.87
C SER A 3 19.50 9.49 0.65
N GLY A 4 18.38 9.13 1.27
CA GLY A 4 18.28 9.19 2.72
C GLY A 4 18.32 7.83 3.36
N SER A 5 17.17 7.18 3.45
CA SER A 5 17.07 5.86 4.06
C SER A 5 16.02 5.01 3.35
N SER A 6 16.47 3.93 2.72
CA SER A 6 15.57 3.04 2.00
C SER A 6 15.50 1.67 2.68
N GLY A 7 14.52 1.51 3.57
CA GLY A 7 14.36 0.26 4.29
C GLY A 7 13.37 -0.66 3.61
N THR A 8 13.58 -1.96 3.76
CA THR A 8 12.69 -2.96 3.15
C THR A 8 11.30 -2.89 3.77
N GLY A 9 11.24 -2.75 5.09
CA GLY A 9 9.96 -2.68 5.77
C GLY A 9 9.45 -4.04 6.19
N GLU A 10 9.13 -4.19 7.47
CA GLU A 10 8.63 -5.46 7.99
C GLU A 10 7.23 -5.29 8.57
N LYS A 11 6.38 -4.58 7.84
CA LYS A 11 5.01 -4.34 8.27
C LYS A 11 4.05 -5.34 7.63
N PRO A 12 3.00 -5.73 8.37
CA PRO A 12 2.00 -6.67 7.89
C PRO A 12 1.13 -6.09 6.79
N TYR A 13 1.11 -4.77 6.70
CA TYR A 13 0.31 -4.08 5.69
C TYR A 13 1.19 -3.19 4.82
N GLU A 14 1.28 -3.53 3.53
CA GLU A 14 2.08 -2.76 2.60
C GLU A 14 1.32 -2.53 1.29
N CYS A 15 1.34 -1.29 0.81
CA CYS A 15 0.66 -0.95 -0.43
C CYS A 15 1.48 -1.37 -1.64
N LYS A 16 0.84 -1.38 -2.81
CA LYS A 16 1.52 -1.76 -4.05
C LYS A 16 1.72 -0.55 -4.95
N VAL A 17 0.68 0.25 -5.08
CA VAL A 17 0.73 1.46 -5.92
C VAL A 17 1.80 2.42 -5.42
N CYS A 18 1.58 2.97 -4.23
CA CYS A 18 2.52 3.91 -3.63
C CYS A 18 3.64 3.18 -2.91
N SER A 19 3.39 1.92 -2.57
CA SER A 19 4.39 1.11 -1.87
C SER A 19 4.70 1.71 -0.50
N LYS A 20 3.67 1.98 0.28
CA LYS A 20 3.84 2.55 1.61
C LYS A 20 3.54 1.51 2.68
N ALA A 21 4.03 1.77 3.89
CA ALA A 21 3.82 0.87 5.01
C ALA A 21 2.99 1.52 6.11
N PHE A 22 2.06 0.76 6.69
CA PHE A 22 1.21 1.26 7.75
C PHE A 22 1.25 0.36 8.98
N THR A 23 0.95 0.93 10.14
CA THR A 23 0.97 0.18 11.39
C THR A 23 -0.29 -0.67 11.54
N GLN A 24 -1.43 -0.10 11.16
CA GLN A 24 -2.71 -0.79 11.25
C GLN A 24 -3.30 -1.03 9.87
N LYS A 25 -4.31 -1.89 9.80
CA LYS A 25 -4.97 -2.21 8.54
C LYS A 25 -5.92 -1.09 8.13
N ALA A 26 -6.77 -0.66 9.06
CA ALA A 26 -7.72 0.40 8.78
C ALA A 26 -7.08 1.52 7.95
N HIS A 27 -5.84 1.85 8.28
CA HIS A 27 -5.12 2.90 7.56
C HIS A 27 -4.92 2.51 6.10
N LEU A 28 -4.57 1.25 5.88
CA LEU A 28 -4.34 0.75 4.52
C LEU A 28 -5.64 0.71 3.73
N ALA A 29 -6.65 0.04 4.29
CA ALA A 29 -7.95 -0.07 3.65
C ALA A 29 -8.52 1.30 3.31
N GLN A 30 -8.49 2.20 4.30
CA GLN A 30 -9.02 3.54 4.10
C GLN A 30 -8.15 4.34 3.13
N HIS A 31 -6.94 3.82 2.87
CA HIS A 31 -6.02 4.47 1.95
C HIS A 31 -6.20 3.94 0.53
N GLN A 32 -5.84 2.68 0.33
CA GLN A 32 -5.96 2.04 -0.98
C GLN A 32 -7.21 2.53 -1.71
N LYS A 33 -8.34 2.53 -1.01
CA LYS A 33 -9.60 2.97 -1.59
C LYS A 33 -9.39 4.15 -2.53
N THR A 34 -8.59 5.11 -2.09
CA THR A 34 -8.29 6.29 -2.90
C THR A 34 -7.67 5.91 -4.23
N HIS A 35 -6.69 5.01 -4.19
CA HIS A 35 -6.02 4.55 -5.39
C HIS A 35 -7.03 4.10 -6.45
N THR A 36 -7.86 3.14 -6.08
CA THR A 36 -8.88 2.61 -6.99
C THR A 36 -9.77 3.73 -7.52
N GLY A 37 -10.19 4.62 -6.62
CA GLY A 37 -11.04 5.73 -6.99
C GLY A 37 -10.56 6.43 -8.25
N GLU A 38 -11.28 6.26 -9.35
CA GLU A 38 -10.91 6.88 -10.61
C GLU A 38 -10.78 8.39 -10.45
N LYS A 39 -9.58 8.91 -10.69
CA LYS A 39 -9.31 10.34 -10.58
C LYS A 39 -8.83 10.91 -11.91
N PRO A 40 -9.79 11.19 -12.82
CA PRO A 40 -9.49 11.75 -14.13
C PRO A 40 -9.00 13.19 -14.06
N SER A 41 -7.72 13.36 -13.76
CA SER A 41 -7.13 14.68 -13.65
C SER A 41 -6.86 15.28 -15.03
N GLY A 42 -6.35 14.44 -15.94
CA GLY A 42 -6.06 14.90 -17.28
C GLY A 42 -4.57 14.95 -17.57
N PRO A 43 -4.20 14.72 -18.85
CA PRO A 43 -2.80 14.72 -19.28
C PRO A 43 -2.19 16.12 -19.25
N SER A 44 -0.86 16.19 -19.22
CA SER A 44 -0.17 17.47 -19.18
C SER A 44 1.12 17.40 -19.99
N SER A 45 1.59 18.56 -20.45
CA SER A 45 2.81 18.63 -21.25
C SER A 45 4.04 18.32 -20.39
N GLY A 46 4.12 18.95 -19.23
CA GLY A 46 5.24 18.73 -18.34
C GLY A 46 4.84 18.81 -16.87
N GLY A 1 19.42 -2.96 -11.81
CA GLY A 1 19.67 -1.53 -11.81
C GLY A 1 18.38 -0.74 -12.00
N SER A 2 18.43 0.24 -12.91
CA SER A 2 17.27 1.08 -13.18
C SER A 2 15.99 0.25 -13.18
N SER A 3 14.86 0.92 -12.94
CA SER A 3 13.57 0.25 -12.90
C SER A 3 13.51 -0.77 -11.77
N GLY A 4 14.00 -0.36 -10.59
CA GLY A 4 13.99 -1.24 -9.44
C GLY A 4 12.85 -0.96 -8.49
N SER A 5 12.18 -2.01 -8.04
CA SER A 5 11.05 -1.87 -7.12
C SER A 5 11.41 -2.41 -5.74
N SER A 6 10.83 -1.81 -4.71
CA SER A 6 11.08 -2.23 -3.33
C SER A 6 10.58 -3.65 -3.10
N GLY A 7 10.77 -4.14 -1.88
CA GLY A 7 10.34 -5.48 -1.54
C GLY A 7 10.57 -5.82 -0.09
N THR A 8 11.73 -5.44 0.43
CA THR A 8 12.08 -5.70 1.83
C THR A 8 11.16 -4.94 2.77
N GLY A 9 10.39 -5.68 3.57
CA GLY A 9 9.48 -5.06 4.51
C GLY A 9 9.00 -6.03 5.57
N GLU A 10 9.11 -5.62 6.84
CA GLU A 10 8.68 -6.46 7.94
C GLU A 10 7.38 -5.94 8.55
N LYS A 11 6.45 -5.54 7.69
CA LYS A 11 5.16 -5.01 8.14
C LYS A 11 4.02 -5.74 7.44
N PRO A 12 2.96 -6.03 8.21
CA PRO A 12 1.77 -6.73 7.69
C PRO A 12 0.96 -5.85 6.73
N TYR A 13 1.20 -4.55 6.79
CA TYR A 13 0.49 -3.60 5.94
C TYR A 13 1.46 -2.87 5.01
N GLU A 14 1.46 -3.24 3.74
CA GLU A 14 2.33 -2.61 2.76
C GLU A 14 1.64 -2.47 1.41
N CYS A 15 1.42 -1.22 0.99
CA CYS A 15 0.77 -0.96 -0.28
C CYS A 15 1.64 -1.39 -1.46
N LYS A 16 1.04 -1.46 -2.64
CA LYS A 16 1.76 -1.87 -3.84
C LYS A 16 1.95 -0.68 -4.78
N VAL A 17 0.86 0.00 -5.09
CA VAL A 17 0.89 1.15 -5.99
C VAL A 17 1.89 2.20 -5.48
N CYS A 18 1.59 2.79 -4.34
CA CYS A 18 2.46 3.81 -3.75
C CYS A 18 3.56 3.16 -2.92
N SER A 19 3.40 1.88 -2.61
CA SER A 19 4.39 1.14 -1.83
C SER A 19 4.52 1.73 -0.43
N LYS A 20 3.43 2.31 0.07
CA LYS A 20 3.42 2.91 1.40
C LYS A 20 3.08 1.86 2.46
N ALA A 21 3.91 1.78 3.48
CA ALA A 21 3.70 0.83 4.56
C ALA A 21 2.89 1.45 5.69
N PHE A 22 2.11 0.62 6.39
CA PHE A 22 1.28 1.09 7.49
C PHE A 22 1.41 0.17 8.70
N THR A 23 0.86 0.61 9.82
CA THR A 23 0.91 -0.17 11.05
C THR A 23 -0.40 -0.90 11.31
N GLN A 24 -1.51 -0.26 10.92
CA GLN A 24 -2.83 -0.84 11.11
C GLN A 24 -3.55 -1.00 9.77
N LYS A 25 -4.49 -1.92 9.71
CA LYS A 25 -5.27 -2.16 8.49
C LYS A 25 -6.16 -0.97 8.17
N ALA A 26 -7.01 -0.60 9.12
CA ALA A 26 -7.92 0.53 8.94
C ALA A 26 -7.25 1.65 8.15
N HIS A 27 -6.00 1.94 8.49
CA HIS A 27 -5.24 2.99 7.82
C HIS A 27 -5.00 2.63 6.35
N LEU A 28 -4.44 1.45 6.12
CA LEU A 28 -4.16 0.99 4.78
C LEU A 28 -5.44 0.79 3.98
N ALA A 29 -6.31 -0.09 4.47
CA ALA A 29 -7.58 -0.37 3.81
C ALA A 29 -8.27 0.92 3.38
N GLN A 30 -8.39 1.85 4.33
CA GLN A 30 -9.04 3.13 4.05
C GLN A 30 -8.27 3.91 2.99
N HIS A 31 -6.95 3.76 2.99
CA HIS A 31 -6.10 4.44 2.03
C HIS A 31 -6.29 3.88 0.64
N GLN A 32 -6.05 2.58 0.49
CA GLN A 32 -6.19 1.92 -0.81
C GLN A 32 -7.34 2.51 -1.60
N LYS A 33 -8.44 2.84 -0.90
CA LYS A 33 -9.61 3.41 -1.54
C LYS A 33 -9.21 4.49 -2.54
N THR A 34 -8.35 5.41 -2.11
CA THR A 34 -7.90 6.49 -2.97
C THR A 34 -7.39 5.95 -4.31
N HIS A 35 -6.78 4.78 -4.28
CA HIS A 35 -6.25 4.16 -5.49
C HIS A 35 -7.39 3.64 -6.36
N THR A 36 -7.77 4.43 -7.36
CA THR A 36 -8.84 4.05 -8.26
C THR A 36 -8.37 3.02 -9.29
N GLY A 37 -8.33 1.76 -8.88
CA GLY A 37 -7.88 0.71 -9.77
C GLY A 37 -8.89 0.42 -10.88
N GLU A 38 -8.49 -0.43 -11.83
CA GLU A 38 -9.37 -0.77 -12.94
C GLU A 38 -9.95 -2.18 -12.76
N LYS A 39 -11.15 -2.38 -13.28
CA LYS A 39 -11.82 -3.68 -13.17
C LYS A 39 -11.85 -4.38 -14.53
N PRO A 40 -10.73 -4.99 -14.92
CA PRO A 40 -10.60 -5.71 -16.18
C PRO A 40 -11.42 -6.99 -16.21
N SER A 41 -11.46 -7.67 -15.07
CA SER A 41 -12.21 -8.93 -14.96
C SER A 41 -12.21 -9.44 -13.52
N GLY A 42 -13.39 -9.45 -12.91
CA GLY A 42 -13.51 -9.91 -11.54
C GLY A 42 -13.66 -11.41 -11.44
N PRO A 43 -14.87 -11.91 -11.74
CA PRO A 43 -15.16 -13.35 -11.70
C PRO A 43 -14.47 -14.13 -12.81
N SER A 44 -14.49 -15.45 -12.71
CA SER A 44 -13.86 -16.30 -13.70
C SER A 44 -14.70 -16.38 -14.97
N SER A 45 -14.09 -16.85 -16.05
CA SER A 45 -14.79 -16.97 -17.33
C SER A 45 -15.62 -18.25 -17.38
N GLY A 46 -16.81 -18.20 -16.80
CA GLY A 46 -17.69 -19.35 -16.79
C GLY A 46 -17.20 -20.43 -15.85
N GLY A 1 21.31 -16.85 -9.75
CA GLY A 1 21.64 -16.32 -8.45
C GLY A 1 20.44 -15.73 -7.73
N SER A 2 20.07 -16.35 -6.61
CA SER A 2 18.92 -15.89 -5.83
C SER A 2 18.96 -14.38 -5.66
N SER A 3 18.02 -13.69 -6.32
CA SER A 3 17.95 -12.24 -6.24
C SER A 3 17.86 -11.78 -4.79
N GLY A 4 18.88 -11.06 -4.34
CA GLY A 4 18.90 -10.57 -2.97
C GLY A 4 17.75 -9.61 -2.68
N SER A 5 17.80 -8.98 -1.51
CA SER A 5 16.76 -8.04 -1.11
C SER A 5 17.12 -6.61 -1.54
N SER A 6 16.11 -5.81 -1.84
CA SER A 6 16.32 -4.44 -2.26
C SER A 6 15.88 -3.46 -1.17
N GLY A 7 14.59 -3.49 -0.83
CA GLY A 7 14.07 -2.61 0.20
C GLY A 7 14.10 -3.24 1.57
N THR A 8 13.56 -2.53 2.56
CA THR A 8 13.52 -3.02 3.93
C THR A 8 12.19 -2.72 4.59
N GLY A 9 11.85 -3.49 5.61
CA GLY A 9 10.60 -3.30 6.32
C GLY A 9 9.88 -4.60 6.60
N GLU A 10 9.44 -4.77 7.84
CA GLU A 10 8.74 -5.98 8.25
C GLU A 10 7.32 -5.67 8.69
N LYS A 11 6.65 -4.78 7.95
CA LYS A 11 5.29 -4.39 8.27
C LYS A 11 4.28 -5.38 7.68
N PRO A 12 3.28 -5.76 8.48
CA PRO A 12 2.24 -6.70 8.05
C PRO A 12 1.31 -6.09 7.01
N TYR A 13 1.47 -4.80 6.77
CA TYR A 13 0.63 -4.09 5.80
C TYR A 13 1.47 -3.17 4.92
N GLU A 14 1.64 -3.55 3.66
CA GLU A 14 2.42 -2.74 2.72
C GLU A 14 1.71 -2.64 1.37
N CYS A 15 1.54 -1.40 0.90
CA CYS A 15 0.88 -1.16 -0.37
C CYS A 15 1.81 -1.48 -1.54
N LYS A 16 1.22 -1.66 -2.72
CA LYS A 16 1.99 -1.96 -3.92
C LYS A 16 1.96 -0.79 -4.90
N VAL A 17 0.87 -0.04 -4.87
CA VAL A 17 0.72 1.11 -5.76
C VAL A 17 1.73 2.21 -5.41
N CYS A 18 1.68 2.67 -4.16
CA CYS A 18 2.58 3.71 -3.70
C CYS A 18 3.57 3.18 -2.68
N SER A 19 3.73 1.85 -2.66
CA SER A 19 4.64 1.21 -1.73
C SER A 19 4.55 1.84 -0.35
N LYS A 20 3.36 2.34 -0.01
CA LYS A 20 3.14 2.97 1.28
C LYS A 20 2.66 1.96 2.31
N ALA A 21 3.45 1.75 3.36
CA ALA A 21 3.10 0.81 4.41
C ALA A 21 2.36 1.51 5.55
N PHE A 22 1.62 0.73 6.34
CA PHE A 22 0.86 1.27 7.45
C PHE A 22 0.99 0.37 8.68
N THR A 23 0.84 0.96 9.86
CA THR A 23 0.93 0.22 11.10
C THR A 23 -0.35 -0.55 11.40
N GLN A 24 -1.48 0.07 11.11
CA GLN A 24 -2.78 -0.57 11.33
C GLN A 24 -3.48 -0.85 10.00
N LYS A 25 -4.19 -1.97 9.94
CA LYS A 25 -4.90 -2.37 8.74
C LYS A 25 -5.86 -1.28 8.30
N ALA A 26 -6.69 -0.80 9.23
CA ALA A 26 -7.65 0.25 8.94
C ALA A 26 -7.05 1.31 8.02
N HIS A 27 -5.84 1.77 8.36
CA HIS A 27 -5.16 2.78 7.57
C HIS A 27 -5.05 2.36 6.11
N LEU A 28 -4.49 1.17 5.88
CA LEU A 28 -4.33 0.64 4.54
C LEU A 28 -5.69 0.51 3.84
N ALA A 29 -6.60 -0.22 4.48
CA ALA A 29 -7.94 -0.42 3.93
C ALA A 29 -8.56 0.89 3.47
N GLN A 30 -8.44 1.91 4.31
CA GLN A 30 -8.98 3.22 3.99
C GLN A 30 -8.16 3.91 2.91
N HIS A 31 -6.85 3.73 2.96
CA HIS A 31 -5.95 4.33 1.98
C HIS A 31 -6.30 3.85 0.57
N GLN A 32 -6.41 2.55 0.40
CA GLN A 32 -6.74 1.96 -0.89
C GLN A 32 -7.73 2.85 -1.65
N LYS A 33 -8.75 3.31 -0.95
CA LYS A 33 -9.77 4.16 -1.55
C LYS A 33 -9.14 5.14 -2.54
N THR A 34 -8.10 5.85 -2.10
CA THR A 34 -7.42 6.81 -2.94
C THR A 34 -7.13 6.23 -4.33
N HIS A 35 -6.60 5.02 -4.35
CA HIS A 35 -6.28 4.35 -5.61
C HIS A 35 -7.55 3.93 -6.34
N THR A 36 -7.43 3.66 -7.63
CA THR A 36 -8.56 3.25 -8.45
C THR A 36 -8.22 2.05 -9.31
N GLY A 37 -9.22 1.20 -9.56
CA GLY A 37 -8.99 0.02 -10.38
C GLY A 37 -7.99 0.28 -11.49
N GLU A 38 -6.90 -0.49 -11.49
CA GLU A 38 -5.86 -0.34 -12.50
C GLU A 38 -6.30 -0.99 -13.83
N LYS A 39 -5.86 -0.41 -14.94
CA LYS A 39 -6.20 -0.92 -16.26
C LYS A 39 -4.95 -1.14 -17.10
N PRO A 40 -5.01 -2.11 -18.01
CA PRO A 40 -3.88 -2.43 -18.89
C PRO A 40 -3.63 -1.34 -19.93
N SER A 41 -4.42 -0.28 -19.87
CA SER A 41 -4.28 0.83 -20.80
C SER A 41 -3.61 2.02 -20.13
N GLY A 42 -3.19 2.99 -20.95
CA GLY A 42 -2.54 4.17 -20.42
C GLY A 42 -1.48 4.73 -21.35
N PRO A 43 -1.28 6.05 -21.32
CA PRO A 43 -0.30 6.73 -22.16
C PRO A 43 1.13 6.41 -21.76
N SER A 44 1.75 5.48 -22.48
CA SER A 44 3.13 5.07 -22.18
C SER A 44 3.99 5.14 -23.44
N SER A 45 4.88 6.12 -23.49
CA SER A 45 5.77 6.29 -24.64
C SER A 45 7.11 6.85 -24.21
N GLY A 46 8.09 6.78 -25.10
CA GLY A 46 9.42 7.29 -24.80
C GLY A 46 10.51 6.54 -25.54
N GLY A 1 18.23 -6.10 -11.89
CA GLY A 1 19.09 -7.08 -11.25
C GLY A 1 18.35 -7.95 -10.26
N SER A 2 18.28 -9.25 -10.53
CA SER A 2 17.59 -10.18 -9.66
C SER A 2 18.31 -10.31 -8.31
N SER A 3 17.96 -9.42 -7.38
CA SER A 3 18.56 -9.42 -6.06
C SER A 3 17.50 -9.56 -4.97
N GLY A 4 16.60 -8.58 -4.92
CA GLY A 4 15.54 -8.62 -3.92
C GLY A 4 15.61 -7.44 -2.96
N SER A 5 14.55 -7.25 -2.18
CA SER A 5 14.50 -6.15 -1.23
C SER A 5 13.94 -6.62 0.12
N SER A 6 14.74 -6.50 1.16
CA SER A 6 14.33 -6.92 2.50
C SER A 6 14.75 -5.88 3.54
N GLY A 7 13.88 -5.66 4.52
CA GLY A 7 14.18 -4.70 5.57
C GLY A 7 13.22 -3.53 5.58
N THR A 8 13.76 -2.33 5.79
CA THR A 8 12.94 -1.13 5.83
C THR A 8 11.58 -1.40 6.46
N GLY A 9 11.57 -2.21 7.51
CA GLY A 9 10.33 -2.54 8.20
C GLY A 9 9.65 -3.75 7.60
N GLU A 10 8.93 -4.49 8.44
CA GLU A 10 8.23 -5.69 7.97
C GLU A 10 6.76 -5.65 8.40
N LYS A 11 6.14 -4.50 8.25
CA LYS A 11 4.73 -4.32 8.62
C LYS A 11 3.84 -5.25 7.80
N PRO A 12 2.77 -5.76 8.43
CA PRO A 12 1.82 -6.66 7.76
C PRO A 12 0.98 -5.93 6.73
N TYR A 13 1.22 -4.64 6.57
CA TYR A 13 0.47 -3.83 5.61
C TYR A 13 1.42 -3.06 4.70
N GLU A 14 1.39 -3.36 3.41
CA GLU A 14 2.25 -2.68 2.44
C GLU A 14 1.52 -2.48 1.12
N CYS A 15 1.31 -1.22 0.76
CA CYS A 15 0.62 -0.88 -0.48
C CYS A 15 1.44 -1.29 -1.70
N LYS A 16 0.80 -1.33 -2.86
CA LYS A 16 1.48 -1.71 -4.10
C LYS A 16 1.67 -0.50 -5.00
N VAL A 17 0.60 0.27 -5.20
CA VAL A 17 0.66 1.46 -6.04
C VAL A 17 1.78 2.39 -5.61
N CYS A 18 1.64 2.96 -4.41
CA CYS A 18 2.66 3.87 -3.87
C CYS A 18 3.79 3.10 -3.20
N SER A 19 3.47 1.90 -2.72
CA SER A 19 4.46 1.06 -2.06
C SER A 19 4.80 1.61 -0.68
N LYS A 20 3.78 1.90 0.12
CA LYS A 20 3.95 2.44 1.45
C LYS A 20 3.66 1.38 2.51
N ALA A 21 3.88 1.73 3.78
CA ALA A 21 3.63 0.80 4.87
C ALA A 21 2.83 1.47 5.99
N PHE A 22 1.85 0.75 6.52
CA PHE A 22 1.01 1.28 7.59
C PHE A 22 1.06 0.37 8.82
N THR A 23 0.69 0.92 9.97
CA THR A 23 0.69 0.17 11.21
C THR A 23 -0.73 -0.11 11.70
N GLN A 24 -1.67 -0.09 10.77
CA GLN A 24 -3.07 -0.33 11.09
C GLN A 24 -3.89 -0.59 9.83
N LYS A 25 -4.37 -1.82 9.67
CA LYS A 25 -5.17 -2.19 8.51
C LYS A 25 -6.24 -1.14 8.23
N ALA A 26 -6.81 -0.58 9.29
CA ALA A 26 -7.84 0.44 9.16
C ALA A 26 -7.33 1.63 8.35
N HIS A 27 -6.07 1.97 8.55
CA HIS A 27 -5.46 3.10 7.84
C HIS A 27 -5.12 2.70 6.40
N LEU A 28 -4.66 1.47 6.22
CA LEU A 28 -4.29 0.99 4.90
C LEU A 28 -5.53 0.79 4.02
N ALA A 29 -6.43 -0.08 4.47
CA ALA A 29 -7.66 -0.36 3.73
C ALA A 29 -8.29 0.94 3.24
N GLN A 30 -8.29 1.96 4.09
CA GLN A 30 -8.87 3.25 3.74
C GLN A 30 -8.05 3.94 2.66
N HIS A 31 -6.75 3.70 2.67
CA HIS A 31 -5.85 4.31 1.70
C HIS A 31 -5.93 3.57 0.36
N GLN A 32 -5.70 2.26 0.39
CA GLN A 32 -5.74 1.45 -0.82
C GLN A 32 -6.92 1.86 -1.71
N LYS A 33 -7.98 2.37 -1.08
CA LYS A 33 -9.16 2.79 -1.80
C LYS A 33 -9.07 4.26 -2.18
N THR A 34 -8.38 5.04 -1.35
CA THR A 34 -8.23 6.46 -1.60
C THR A 34 -7.51 6.72 -2.92
N HIS A 35 -6.73 5.73 -3.37
CA HIS A 35 -6.00 5.84 -4.63
C HIS A 35 -6.95 6.11 -5.79
N THR A 36 -6.52 6.92 -6.75
CA THR A 36 -7.33 7.24 -7.90
C THR A 36 -6.88 6.46 -9.13
N GLY A 37 -7.85 5.95 -9.89
CA GLY A 37 -7.54 5.19 -11.08
C GLY A 37 -8.65 4.21 -11.45
N GLU A 38 -8.38 2.92 -11.28
CA GLU A 38 -9.36 1.89 -11.59
C GLU A 38 -9.98 1.31 -10.33
N LYS A 39 -11.15 1.82 -9.96
CA LYS A 39 -11.84 1.35 -8.77
C LYS A 39 -13.13 0.63 -9.13
N PRO A 40 -13.00 -0.66 -9.48
CA PRO A 40 -14.14 -1.50 -9.85
C PRO A 40 -15.05 -1.80 -8.67
N SER A 41 -16.36 -1.93 -8.95
CA SER A 41 -17.32 -2.22 -7.90
C SER A 41 -17.30 -3.69 -7.52
N GLY A 42 -17.33 -3.96 -6.22
CA GLY A 42 -17.31 -5.34 -5.74
C GLY A 42 -17.35 -5.42 -4.23
N PRO A 43 -18.57 -5.48 -3.67
CA PRO A 43 -18.77 -5.57 -2.22
C PRO A 43 -18.34 -6.92 -1.66
N SER A 44 -17.55 -6.88 -0.59
CA SER A 44 -17.07 -8.10 0.04
C SER A 44 -16.58 -9.10 -1.00
N SER A 45 -15.87 -8.59 -2.01
CA SER A 45 -15.34 -9.44 -3.07
C SER A 45 -14.42 -10.51 -2.51
N GLY A 46 -14.21 -11.57 -3.28
CA GLY A 46 -13.35 -12.66 -2.85
C GLY A 46 -12.87 -13.51 -4.00
N GLY A 1 23.15 -15.55 -5.16
CA GLY A 1 21.70 -15.59 -5.16
C GLY A 1 21.10 -15.20 -3.83
N SER A 2 21.65 -14.16 -3.22
CA SER A 2 21.17 -13.69 -1.92
C SER A 2 20.84 -12.19 -1.97
N SER A 3 19.58 -11.88 -2.24
CA SER A 3 19.14 -10.49 -2.32
C SER A 3 18.15 -10.17 -1.21
N GLY A 4 18.66 -9.77 -0.05
CA GLY A 4 17.80 -9.45 1.07
C GLY A 4 17.55 -7.96 1.19
N SER A 5 16.73 -7.57 2.17
CA SER A 5 16.40 -6.17 2.38
C SER A 5 16.55 -5.80 3.86
N SER A 6 16.90 -4.54 4.11
CA SER A 6 17.09 -4.05 5.47
C SER A 6 15.82 -4.25 6.29
N GLY A 7 15.98 -4.40 7.60
CA GLY A 7 14.84 -4.60 8.48
C GLY A 7 14.65 -3.44 9.44
N THR A 8 14.03 -2.36 8.95
CA THR A 8 13.78 -1.18 9.77
C THR A 8 12.29 -1.01 10.05
N GLY A 9 11.83 -1.61 11.15
CA GLY A 9 10.43 -1.50 11.52
C GLY A 9 9.50 -1.89 10.38
N GLU A 10 9.43 -3.19 10.09
CA GLU A 10 8.58 -3.68 9.02
C GLU A 10 7.12 -3.73 9.46
N LYS A 11 6.21 -3.53 8.50
CA LYS A 11 4.78 -3.55 8.80
C LYS A 11 4.09 -4.69 8.05
N PRO A 12 3.14 -5.35 8.72
CA PRO A 12 2.39 -6.46 8.15
C PRO A 12 1.42 -6.01 7.05
N TYR A 13 1.31 -4.70 6.89
CA TYR A 13 0.43 -4.14 5.88
C TYR A 13 1.17 -3.14 4.98
N GLU A 14 1.41 -3.55 3.73
CA GLU A 14 2.11 -2.69 2.78
C GLU A 14 1.32 -2.56 1.48
N CYS A 15 1.57 -1.47 0.76
CA CYS A 15 0.88 -1.22 -0.50
C CYS A 15 1.78 -1.53 -1.68
N LYS A 16 1.19 -1.68 -2.86
CA LYS A 16 1.94 -1.98 -4.08
C LYS A 16 1.91 -0.80 -5.04
N VAL A 17 0.83 -0.01 -4.98
CA VAL A 17 0.69 1.15 -5.85
C VAL A 17 1.70 2.23 -5.48
N CYS A 18 1.69 2.63 -4.21
CA CYS A 18 2.60 3.66 -3.73
C CYS A 18 3.59 3.08 -2.72
N SER A 19 3.78 1.77 -2.77
CA SER A 19 4.70 1.09 -1.86
C SER A 19 4.63 1.72 -0.46
N LYS A 20 3.46 2.21 -0.09
CA LYS A 20 3.27 2.83 1.21
C LYS A 20 3.08 1.78 2.30
N ALA A 21 3.49 2.11 3.52
CA ALA A 21 3.37 1.19 4.64
C ALA A 21 2.44 1.76 5.71
N PHE A 22 1.82 0.87 6.48
CA PHE A 22 0.91 1.28 7.54
C PHE A 22 1.09 0.42 8.78
N THR A 23 0.78 0.99 9.94
CA THR A 23 0.91 0.27 11.20
C THR A 23 -0.35 -0.55 11.49
N GLN A 24 -1.47 -0.11 10.95
CA GLN A 24 -2.75 -0.81 11.16
C GLN A 24 -3.43 -1.08 9.83
N LYS A 25 -4.18 -2.18 9.77
CA LYS A 25 -4.89 -2.57 8.57
C LYS A 25 -5.90 -1.49 8.17
N ALA A 26 -6.59 -0.94 9.17
CA ALA A 26 -7.58 0.10 8.92
C ALA A 26 -7.01 1.21 8.06
N HIS A 27 -5.83 1.69 8.44
CA HIS A 27 -5.17 2.77 7.70
C HIS A 27 -5.01 2.39 6.22
N LEU A 28 -4.59 1.17 5.97
CA LEU A 28 -4.40 0.69 4.61
C LEU A 28 -5.73 0.57 3.88
N ALA A 29 -6.67 -0.14 4.48
CA ALA A 29 -7.98 -0.33 3.89
C ALA A 29 -8.59 1.01 3.47
N GLN A 30 -8.45 2.02 4.32
CA GLN A 30 -8.98 3.34 4.03
C GLN A 30 -8.18 4.02 2.92
N HIS A 31 -6.86 3.80 2.94
CA HIS A 31 -5.99 4.39 1.93
C HIS A 31 -6.32 3.86 0.54
N GLN A 32 -6.38 2.54 0.42
CA GLN A 32 -6.68 1.91 -0.85
C GLN A 32 -7.67 2.73 -1.66
N LYS A 33 -8.69 3.24 -0.97
CA LYS A 33 -9.72 4.06 -1.62
C LYS A 33 -9.09 5.08 -2.56
N THR A 34 -8.14 5.86 -2.03
CA THR A 34 -7.46 6.88 -2.83
C THR A 34 -7.06 6.32 -4.19
N HIS A 35 -6.75 5.03 -4.23
CA HIS A 35 -6.35 4.38 -5.48
C HIS A 35 -7.56 3.97 -6.31
N THR A 36 -7.41 3.96 -7.62
CA THR A 36 -8.49 3.59 -8.52
C THR A 36 -8.45 2.11 -8.85
N GLY A 37 -9.61 1.54 -9.14
CA GLY A 37 -9.69 0.12 -9.47
C GLY A 37 -11.06 -0.28 -9.99
N GLU A 38 -11.57 0.48 -10.95
CA GLU A 38 -12.88 0.20 -11.53
C GLU A 38 -12.74 -0.33 -12.96
N LYS A 39 -12.97 -1.62 -13.13
CA LYS A 39 -12.88 -2.23 -14.45
C LYS A 39 -14.25 -2.72 -14.93
N PRO A 40 -15.04 -1.80 -15.49
CA PRO A 40 -16.38 -2.10 -16.00
C PRO A 40 -16.34 -2.97 -17.25
N SER A 41 -17.32 -3.86 -17.38
CA SER A 41 -17.39 -4.75 -18.54
C SER A 41 -16.00 -5.28 -18.91
N GLY A 42 -15.20 -5.56 -17.89
CA GLY A 42 -13.86 -6.07 -18.13
C GLY A 42 -13.22 -6.64 -16.87
N PRO A 43 -13.72 -7.80 -16.42
CA PRO A 43 -13.21 -8.46 -15.21
C PRO A 43 -11.81 -9.03 -15.43
N SER A 44 -11.26 -8.81 -16.61
CA SER A 44 -9.92 -9.32 -16.94
C SER A 44 -8.87 -8.68 -16.03
N SER A 45 -7.81 -9.43 -15.75
CA SER A 45 -6.73 -8.95 -14.89
C SER A 45 -7.29 -8.35 -13.60
N GLY A 46 -8.28 -9.03 -13.03
CA GLY A 46 -8.89 -8.56 -11.80
C GLY A 46 -10.10 -7.69 -12.05
N GLY A 1 27.06 7.40 -3.67
CA GLY A 1 27.86 7.62 -2.47
C GLY A 1 27.14 7.22 -1.21
N SER A 2 26.25 8.08 -0.74
CA SER A 2 25.48 7.81 0.49
C SER A 2 24.02 7.58 0.17
N SER A 3 23.40 6.64 0.89
CA SER A 3 21.99 6.32 0.68
C SER A 3 21.09 7.26 1.48
N GLY A 4 21.38 7.37 2.78
CA GLY A 4 20.59 8.24 3.64
C GLY A 4 19.37 7.54 4.19
N SER A 5 18.42 7.22 3.32
CA SER A 5 17.20 6.56 3.72
C SER A 5 17.41 5.05 3.89
N SER A 6 17.12 4.54 5.07
CA SER A 6 17.28 3.12 5.37
C SER A 6 16.15 2.60 6.23
N GLY A 7 15.43 1.60 5.72
CA GLY A 7 14.32 1.03 6.46
C GLY A 7 13.04 1.02 5.66
N THR A 8 13.10 0.47 4.45
CA THR A 8 11.93 0.40 3.59
C THR A 8 10.67 0.09 4.38
N GLY A 9 10.79 -0.79 5.37
CA GLY A 9 9.66 -1.16 6.19
C GLY A 9 9.36 -2.64 6.15
N GLU A 10 9.03 -3.21 7.31
CA GLU A 10 8.72 -4.64 7.40
C GLU A 10 7.41 -4.86 8.15
N LYS A 11 6.41 -4.04 7.84
CA LYS A 11 5.11 -4.15 8.48
C LYS A 11 4.21 -5.14 7.74
N PRO A 12 3.20 -5.67 8.43
CA PRO A 12 2.26 -6.63 7.86
C PRO A 12 1.34 -5.99 6.82
N TYR A 13 1.38 -4.67 6.75
CA TYR A 13 0.54 -3.93 5.80
C TYR A 13 1.40 -3.04 4.90
N GLU A 14 1.41 -3.36 3.61
CA GLU A 14 2.18 -2.59 2.64
C GLU A 14 1.44 -2.48 1.31
N CYS A 15 1.39 -1.26 0.77
CA CYS A 15 0.71 -1.03 -0.50
C CYS A 15 1.58 -1.45 -1.67
N LYS A 16 0.97 -1.57 -2.85
CA LYS A 16 1.69 -1.97 -4.05
C LYS A 16 1.86 -0.78 -5.00
N VAL A 17 0.82 0.03 -5.11
CA VAL A 17 0.85 1.19 -5.98
C VAL A 17 1.88 2.21 -5.50
N CYS A 18 1.62 2.81 -4.34
CA CYS A 18 2.52 3.81 -3.77
C CYS A 18 3.65 3.13 -2.99
N SER A 19 3.43 1.87 -2.63
CA SER A 19 4.43 1.11 -1.88
C SER A 19 4.65 1.73 -0.50
N LYS A 20 3.56 2.06 0.18
CA LYS A 20 3.64 2.66 1.50
C LYS A 20 3.11 1.70 2.56
N ALA A 21 3.91 1.50 3.61
CA ALA A 21 3.52 0.60 4.70
C ALA A 21 2.82 1.36 5.82
N PHE A 22 1.98 0.65 6.57
CA PHE A 22 1.25 1.27 7.66
C PHE A 22 1.31 0.39 8.92
N THR A 23 0.76 0.89 10.01
CA THR A 23 0.75 0.16 11.27
C THR A 23 -0.56 -0.59 11.47
N GLN A 24 -1.67 0.09 11.19
CA GLN A 24 -2.99 -0.52 11.34
C GLN A 24 -3.66 -0.69 9.98
N LYS A 25 -4.21 -1.87 9.74
CA LYS A 25 -4.89 -2.16 8.49
C LYS A 25 -5.93 -1.09 8.16
N ALA A 26 -6.77 -0.79 9.15
CA ALA A 26 -7.81 0.22 8.97
C ALA A 26 -7.29 1.41 8.16
N HIS A 27 -6.04 1.79 8.42
CA HIS A 27 -5.42 2.92 7.71
C HIS A 27 -5.13 2.54 6.26
N LEU A 28 -4.59 1.34 6.07
CA LEU A 28 -4.25 0.86 4.73
C LEU A 28 -5.50 0.77 3.85
N ALA A 29 -6.48 0.02 4.31
CA ALA A 29 -7.73 -0.15 3.57
C ALA A 29 -8.30 1.21 3.16
N GLN A 30 -8.47 2.10 4.14
CA GLN A 30 -9.01 3.42 3.88
C GLN A 30 -8.17 4.16 2.84
N HIS A 31 -6.94 3.69 2.64
CA HIS A 31 -6.04 4.31 1.68
C HIS A 31 -6.19 3.67 0.30
N GLN A 32 -6.09 2.34 0.26
CA GLN A 32 -6.20 1.60 -0.99
C GLN A 32 -7.38 2.11 -1.81
N LYS A 33 -8.35 2.73 -1.14
CA LYS A 33 -9.53 3.27 -1.81
C LYS A 33 -9.27 4.69 -2.30
N THR A 34 -8.44 5.43 -1.57
CA THR A 34 -8.11 6.80 -1.93
C THR A 34 -7.42 6.86 -3.29
N HIS A 35 -6.65 5.81 -3.59
CA HIS A 35 -5.94 5.74 -4.87
C HIS A 35 -6.89 5.96 -6.04
N THR A 36 -6.75 7.10 -6.71
CA THR A 36 -7.59 7.42 -7.85
C THR A 36 -6.77 7.49 -9.14
N GLY A 37 -7.29 6.86 -10.18
CA GLY A 37 -6.59 6.86 -11.46
C GLY A 37 -7.55 6.92 -12.64
N GLU A 38 -8.33 5.87 -12.83
CA GLU A 38 -9.29 5.81 -13.93
C GLU A 38 -8.60 6.10 -15.26
N LYS A 39 -7.36 5.62 -15.40
CA LYS A 39 -6.60 5.82 -16.62
C LYS A 39 -5.44 4.84 -16.71
N PRO A 40 -5.03 4.51 -17.95
CA PRO A 40 -3.93 3.58 -18.19
C PRO A 40 -2.57 4.16 -17.79
N SER A 41 -2.27 4.12 -16.50
CA SER A 41 -1.02 4.65 -15.99
C SER A 41 0.06 3.56 -15.95
N GLY A 42 0.75 3.38 -17.07
CA GLY A 42 1.79 2.37 -17.14
C GLY A 42 1.24 0.97 -17.20
N PRO A 43 1.85 0.13 -18.04
CA PRO A 43 1.42 -1.27 -18.20
C PRO A 43 1.72 -2.12 -16.97
N SER A 44 2.35 -1.51 -15.98
CA SER A 44 2.70 -2.21 -14.75
C SER A 44 1.44 -2.55 -13.95
N SER A 45 0.75 -3.60 -14.36
CA SER A 45 -0.47 -4.02 -13.68
C SER A 45 -0.52 -5.54 -13.55
N GLY A 46 -0.44 -6.02 -12.31
CA GLY A 46 -0.47 -7.45 -12.07
C GLY A 46 -1.87 -7.95 -11.77
N GLY A 1 16.73 -7.23 -5.74
CA GLY A 1 17.03 -6.11 -4.86
C GLY A 1 18.34 -5.44 -5.21
N SER A 2 18.61 -4.29 -4.59
CA SER A 2 19.84 -3.55 -4.84
C SER A 2 20.97 -4.07 -3.96
N SER A 3 22.17 -3.53 -4.18
CA SER A 3 23.34 -3.94 -3.41
C SER A 3 23.19 -3.54 -1.94
N GLY A 4 22.77 -4.49 -1.11
CA GLY A 4 22.59 -4.22 0.30
C GLY A 4 21.26 -4.70 0.82
N SER A 5 21.29 -5.50 1.89
CA SER A 5 20.08 -6.03 2.49
C SER A 5 19.97 -5.64 3.96
N SER A 6 19.02 -4.77 4.26
CA SER A 6 18.81 -4.30 5.62
C SER A 6 17.55 -4.91 6.23
N GLY A 7 16.58 -5.18 5.37
CA GLY A 7 15.33 -5.76 5.84
C GLY A 7 14.73 -5.00 7.00
N THR A 8 14.71 -3.68 6.90
CA THR A 8 14.16 -2.83 7.95
C THR A 8 12.70 -2.49 7.68
N GLY A 9 12.35 -2.36 6.40
CA GLY A 9 10.99 -2.04 6.02
C GLY A 9 10.08 -3.25 6.04
N GLU A 10 9.84 -3.81 7.21
CA GLU A 10 8.99 -4.98 7.35
C GLU A 10 7.71 -4.64 8.12
N LYS A 11 6.57 -4.77 7.45
CA LYS A 11 5.29 -4.48 8.06
C LYS A 11 4.21 -5.44 7.56
N PRO A 12 3.19 -5.68 8.40
CA PRO A 12 2.08 -6.56 8.05
C PRO A 12 1.18 -5.99 6.95
N TYR A 13 1.31 -4.69 6.72
CA TYR A 13 0.52 -4.02 5.70
C TYR A 13 1.39 -3.11 4.83
N GLU A 14 1.45 -3.42 3.54
CA GLU A 14 2.25 -2.63 2.61
C GLU A 14 1.53 -2.48 1.27
N CYS A 15 1.27 -1.24 0.87
CA CYS A 15 0.59 -0.96 -0.39
C CYS A 15 1.44 -1.40 -1.57
N LYS A 16 0.82 -1.50 -2.74
CA LYS A 16 1.51 -1.91 -3.94
C LYS A 16 1.69 -0.72 -4.90
N VAL A 17 0.73 0.19 -4.88
CA VAL A 17 0.77 1.37 -5.74
C VAL A 17 1.90 2.30 -5.33
N CYS A 18 1.82 2.81 -4.09
CA CYS A 18 2.84 3.71 -3.57
C CYS A 18 3.76 2.99 -2.59
N SER A 19 3.81 1.67 -2.69
CA SER A 19 4.64 0.86 -1.81
C SER A 19 4.73 1.48 -0.43
N LYS A 20 3.61 2.06 0.02
CA LYS A 20 3.56 2.69 1.34
C LYS A 20 3.42 1.64 2.44
N ALA A 21 3.70 2.04 3.67
CA ALA A 21 3.60 1.13 4.81
C ALA A 21 2.71 1.72 5.90
N PHE A 22 1.86 0.87 6.48
CA PHE A 22 0.96 1.31 7.53
C PHE A 22 1.09 0.42 8.76
N THR A 23 0.86 1.00 9.94
CA THR A 23 0.95 0.26 11.19
C THR A 23 -0.27 -0.62 11.40
N GLN A 24 -1.45 -0.12 11.00
CA GLN A 24 -2.68 -0.87 11.15
C GLN A 24 -3.40 -1.02 9.81
N LYS A 25 -4.23 -2.04 9.69
CA LYS A 25 -4.97 -2.29 8.46
C LYS A 25 -5.96 -1.17 8.18
N ALA A 26 -6.61 -0.68 9.25
CA ALA A 26 -7.58 0.39 9.12
C ALA A 26 -7.07 1.50 8.21
N HIS A 27 -5.79 1.83 8.36
CA HIS A 27 -5.17 2.88 7.55
C HIS A 27 -5.04 2.44 6.09
N LEU A 28 -4.56 1.21 5.89
CA LEU A 28 -4.37 0.67 4.55
C LEU A 28 -5.72 0.54 3.83
N ALA A 29 -6.61 -0.24 4.42
CA ALA A 29 -7.94 -0.45 3.83
C ALA A 29 -8.52 0.87 3.33
N GLN A 30 -8.59 1.86 4.21
CA GLN A 30 -9.13 3.17 3.86
C GLN A 30 -8.27 3.84 2.79
N HIS A 31 -6.96 3.73 2.94
CA HIS A 31 -6.04 4.32 1.98
C HIS A 31 -6.31 3.82 0.57
N GLN A 32 -6.22 2.51 0.37
CA GLN A 32 -6.46 1.92 -0.94
C GLN A 32 -7.60 2.64 -1.66
N LYS A 33 -8.59 3.09 -0.89
CA LYS A 33 -9.73 3.80 -1.47
C LYS A 33 -9.27 4.85 -2.47
N THR A 34 -8.33 5.69 -2.07
CA THR A 34 -7.82 6.74 -2.93
C THR A 34 -7.23 6.16 -4.21
N HIS A 35 -6.69 4.94 -4.11
CA HIS A 35 -6.10 4.27 -5.25
C HIS A 35 -7.19 3.74 -6.19
N THR A 36 -7.27 4.29 -7.39
CA THR A 36 -8.26 3.88 -8.37
C THR A 36 -8.14 2.39 -8.66
N GLY A 37 -9.10 1.87 -9.42
CA GLY A 37 -9.09 0.45 -9.76
C GLY A 37 -10.29 0.05 -10.59
N GLU A 38 -11.44 0.65 -10.32
CA GLU A 38 -12.66 0.35 -11.04
C GLU A 38 -12.38 0.19 -12.54
N LYS A 39 -12.33 -1.05 -13.00
CA LYS A 39 -12.07 -1.34 -14.41
C LYS A 39 -12.60 -2.71 -14.78
N PRO A 40 -13.29 -2.79 -15.92
CA PRO A 40 -13.84 -4.05 -16.42
C PRO A 40 -12.77 -5.03 -16.89
N SER A 41 -11.80 -4.51 -17.63
CA SER A 41 -10.71 -5.33 -18.16
C SER A 41 -9.44 -5.12 -17.34
N GLY A 42 -9.10 -3.85 -17.10
CA GLY A 42 -7.91 -3.54 -16.34
C GLY A 42 -6.64 -3.61 -17.18
N PRO A 43 -5.49 -3.37 -16.54
CA PRO A 43 -4.20 -3.40 -17.22
C PRO A 43 -3.79 -4.82 -17.64
N SER A 44 -4.04 -5.78 -16.77
CA SER A 44 -3.70 -7.17 -17.05
C SER A 44 -4.89 -8.09 -16.82
N SER A 45 -5.02 -9.13 -17.63
CA SER A 45 -6.12 -10.07 -17.51
C SER A 45 -6.06 -10.81 -16.18
N GLY A 46 -7.20 -11.35 -15.76
CA GLY A 46 -7.26 -12.07 -14.50
C GLY A 46 -8.66 -12.57 -14.19
N GLY A 1 37.58 -5.90 6.55
CA GLY A 1 36.58 -4.98 7.05
C GLY A 1 35.56 -5.68 7.94
N SER A 2 34.46 -4.98 8.23
CA SER A 2 33.42 -5.53 9.08
C SER A 2 32.04 -5.27 8.47
N SER A 3 31.00 -5.83 9.08
CA SER A 3 29.65 -5.67 8.61
C SER A 3 28.64 -5.94 9.72
N GLY A 4 27.48 -5.27 9.64
CA GLY A 4 26.46 -5.45 10.65
C GLY A 4 25.33 -4.44 10.51
N SER A 5 24.12 -4.84 10.91
CA SER A 5 22.97 -3.98 10.82
C SER A 5 22.00 -4.25 11.97
N SER A 6 21.70 -3.21 12.74
CA SER A 6 20.78 -3.34 13.87
C SER A 6 19.44 -3.90 13.43
N GLY A 7 18.85 -3.28 12.40
CA GLY A 7 17.57 -3.72 11.89
C GLY A 7 16.40 -3.06 12.60
N THR A 8 15.23 -3.11 11.97
CA THR A 8 14.03 -2.50 12.54
C THR A 8 12.79 -3.33 12.22
N GLY A 9 11.78 -3.24 13.08
CA GLY A 9 10.55 -3.98 12.87
C GLY A 9 9.87 -3.61 11.57
N GLU A 10 9.46 -4.62 10.81
CA GLU A 10 8.78 -4.39 9.54
C GLU A 10 7.27 -4.43 9.70
N LYS A 11 6.57 -3.63 8.91
CA LYS A 11 5.11 -3.56 8.97
C LYS A 11 4.48 -4.62 8.06
N PRO A 12 3.52 -5.37 8.61
CA PRO A 12 2.81 -6.42 7.87
C PRO A 12 1.91 -5.86 6.78
N TYR A 13 1.45 -4.63 6.97
CA TYR A 13 0.57 -3.98 6.01
C TYR A 13 1.35 -3.01 5.13
N GLU A 14 1.38 -3.31 3.83
CA GLU A 14 2.10 -2.46 2.87
C GLU A 14 1.33 -2.37 1.55
N CYS A 15 1.37 -1.20 0.93
CA CYS A 15 0.70 -0.99 -0.34
C CYS A 15 1.56 -1.44 -1.51
N LYS A 16 0.95 -1.59 -2.68
CA LYS A 16 1.66 -2.02 -3.87
C LYS A 16 1.78 -0.87 -4.88
N VAL A 17 0.71 -0.10 -5.01
CA VAL A 17 0.70 1.03 -5.94
C VAL A 17 1.63 2.13 -5.48
N CYS A 18 1.43 2.58 -4.23
CA CYS A 18 2.27 3.63 -3.67
C CYS A 18 3.45 3.05 -2.91
N SER A 19 3.32 1.78 -2.52
CA SER A 19 4.38 1.11 -1.77
C SER A 19 4.60 1.76 -0.41
N LYS A 20 3.51 2.00 0.30
CA LYS A 20 3.58 2.62 1.62
C LYS A 20 3.20 1.63 2.72
N ALA A 21 4.03 1.55 3.75
CA ALA A 21 3.78 0.64 4.86
C ALA A 21 2.98 1.32 5.96
N PHE A 22 1.96 0.65 6.45
CA PHE A 22 1.11 1.19 7.51
C PHE A 22 1.21 0.35 8.78
N THR A 23 0.87 0.95 9.92
CA THR A 23 0.92 0.25 11.19
C THR A 23 -0.29 -0.66 11.37
N GLN A 24 -1.46 -0.16 10.97
CA GLN A 24 -2.70 -0.92 11.09
C GLN A 24 -3.34 -1.13 9.72
N LYS A 25 -4.25 -2.10 9.65
CA LYS A 25 -4.94 -2.41 8.40
C LYS A 25 -5.91 -1.29 8.02
N ALA A 26 -6.82 -0.96 8.94
CA ALA A 26 -7.80 0.10 8.70
C ALA A 26 -7.18 1.25 7.92
N HIS A 27 -5.98 1.67 8.33
CA HIS A 27 -5.29 2.77 7.66
C HIS A 27 -5.08 2.46 6.19
N LEU A 28 -4.62 1.25 5.90
CA LEU A 28 -4.37 0.83 4.52
C LEU A 28 -5.68 0.69 3.76
N ALA A 29 -6.61 -0.08 4.32
CA ALA A 29 -7.91 -0.30 3.70
C ALA A 29 -8.54 1.01 3.27
N GLN A 30 -8.58 1.97 4.19
CA GLN A 30 -9.16 3.29 3.90
C GLN A 30 -8.31 4.05 2.88
N HIS A 31 -6.99 3.88 2.97
CA HIS A 31 -6.07 4.55 2.06
C HIS A 31 -6.29 4.08 0.62
N GLN A 32 -6.19 2.78 0.41
CA GLN A 32 -6.37 2.21 -0.93
C GLN A 32 -7.54 2.89 -1.65
N LYS A 33 -8.53 3.31 -0.89
CA LYS A 33 -9.70 3.98 -1.46
C LYS A 33 -9.28 4.99 -2.52
N THR A 34 -8.23 5.76 -2.22
CA THR A 34 -7.74 6.76 -3.16
C THR A 34 -7.30 6.11 -4.47
N HIS A 35 -6.50 5.06 -4.37
CA HIS A 35 -6.02 4.36 -5.55
C HIS A 35 -7.18 3.86 -6.41
N THR A 36 -6.86 3.33 -7.58
CA THR A 36 -7.88 2.82 -8.49
C THR A 36 -9.16 3.63 -8.40
N GLY A 37 -9.01 4.95 -8.36
CA GLY A 37 -10.17 5.83 -8.27
C GLY A 37 -10.65 6.29 -9.64
N GLU A 38 -9.90 7.20 -10.24
CA GLU A 38 -10.25 7.73 -11.56
C GLU A 38 -10.81 6.63 -12.45
N LYS A 39 -11.87 6.94 -13.18
CA LYS A 39 -12.50 5.98 -14.08
C LYS A 39 -12.19 6.31 -15.54
N PRO A 40 -12.22 5.27 -16.39
CA PRO A 40 -11.94 5.43 -17.83
C PRO A 40 -13.05 6.20 -18.56
N SER A 41 -12.67 7.32 -19.16
CA SER A 41 -13.63 8.15 -19.89
C SER A 41 -13.71 7.73 -21.35
N GLY A 42 -13.74 6.42 -21.58
CA GLY A 42 -13.82 5.91 -22.94
C GLY A 42 -12.59 5.12 -23.34
N PRO A 43 -11.50 5.82 -23.68
CA PRO A 43 -10.25 5.19 -24.08
C PRO A 43 -9.54 4.51 -22.92
N SER A 44 -9.73 3.20 -22.81
CA SER A 44 -9.11 2.43 -21.72
C SER A 44 -7.63 2.76 -21.60
N SER A 45 -7.23 3.19 -20.40
CA SER A 45 -5.83 3.56 -20.15
C SER A 45 -5.34 2.93 -18.84
N GLY A 46 -4.04 2.95 -18.64
CA GLY A 46 -3.46 2.38 -17.44
C GLY A 46 -3.04 3.44 -16.44
N GLY A 1 14.98 19.37 2.51
CA GLY A 1 16.09 18.66 1.89
C GLY A 1 16.89 17.86 2.90
N SER A 2 17.46 18.54 3.89
CA SER A 2 18.26 17.88 4.91
C SER A 2 17.37 17.09 5.87
N SER A 3 16.39 17.76 6.45
CA SER A 3 15.47 17.13 7.39
C SER A 3 15.11 15.72 6.92
N GLY A 4 15.22 14.76 7.83
CA GLY A 4 14.90 13.38 7.49
C GLY A 4 16.03 12.43 7.82
N SER A 5 15.68 11.21 8.23
CA SER A 5 16.67 10.20 8.58
C SER A 5 16.05 8.81 8.60
N SER A 6 16.50 7.95 7.70
CA SER A 6 15.99 6.59 7.60
C SER A 6 15.95 5.93 8.98
N GLY A 7 14.75 5.52 9.40
CA GLY A 7 14.60 4.88 10.69
C GLY A 7 14.14 3.45 10.58
N THR A 8 13.07 3.11 11.30
CA THR A 8 12.54 1.75 11.28
C THR A 8 11.20 1.71 10.56
N GLY A 9 10.94 0.59 9.86
CA GLY A 9 9.70 0.44 9.13
C GLY A 9 9.33 -1.00 8.91
N GLU A 10 8.70 -1.62 9.91
CA GLU A 10 8.30 -3.02 9.82
C GLU A 10 6.81 -3.18 10.09
N LYS A 11 6.10 -3.75 9.13
CA LYS A 11 4.66 -3.95 9.26
C LYS A 11 4.14 -4.93 8.21
N PRO A 12 3.16 -5.76 8.60
CA PRO A 12 2.57 -6.75 7.69
C PRO A 12 1.72 -6.11 6.60
N TYR A 13 1.40 -4.82 6.79
CA TYR A 13 0.60 -4.09 5.82
C TYR A 13 1.47 -3.19 4.95
N GLU A 14 1.55 -3.51 3.66
CA GLU A 14 2.35 -2.74 2.73
C GLU A 14 1.66 -2.64 1.37
N CYS A 15 1.63 -1.43 0.81
CA CYS A 15 1.00 -1.20 -0.49
C CYS A 15 1.98 -1.48 -1.63
N LYS A 16 1.44 -1.62 -2.84
CA LYS A 16 2.27 -1.89 -4.01
C LYS A 16 2.19 -0.74 -5.00
N VAL A 17 1.02 -0.11 -5.09
CA VAL A 17 0.82 1.01 -6.01
C VAL A 17 1.70 2.19 -5.63
N CYS A 18 1.68 2.55 -4.35
CA CYS A 18 2.48 3.67 -3.86
C CYS A 18 3.62 3.18 -2.98
N SER A 19 3.50 1.94 -2.49
CA SER A 19 4.51 1.35 -1.63
C SER A 19 4.45 1.95 -0.22
N LYS A 20 3.27 2.42 0.16
CA LYS A 20 3.06 3.01 1.48
C LYS A 20 2.55 1.98 2.46
N ALA A 21 3.34 1.72 3.51
CA ALA A 21 2.97 0.75 4.52
C ALA A 21 2.25 1.42 5.69
N PHE A 22 1.52 0.63 6.47
CA PHE A 22 0.78 1.15 7.61
C PHE A 22 0.83 0.18 8.79
N THR A 23 0.91 0.73 9.99
CA THR A 23 0.98 -0.08 11.20
C THR A 23 -0.31 -0.87 11.41
N GLN A 24 -1.43 -0.23 11.10
CA GLN A 24 -2.73 -0.88 11.25
C GLN A 24 -3.38 -1.11 9.88
N LYS A 25 -4.44 -1.93 9.87
CA LYS A 25 -5.15 -2.23 8.63
C LYS A 25 -6.16 -1.15 8.30
N ALA A 26 -6.69 -0.50 9.34
CA ALA A 26 -7.66 0.57 9.15
C ALA A 26 -7.09 1.68 8.28
N HIS A 27 -5.82 1.98 8.45
CA HIS A 27 -5.16 3.03 7.68
C HIS A 27 -5.00 2.60 6.23
N LEU A 28 -4.44 1.41 6.02
CA LEU A 28 -4.24 0.89 4.68
C LEU A 28 -5.57 0.74 3.93
N ALA A 29 -6.47 -0.04 4.49
CA ALA A 29 -7.78 -0.26 3.89
C ALA A 29 -8.40 1.07 3.45
N GLN A 30 -8.36 2.06 4.33
CA GLN A 30 -8.93 3.37 4.03
C GLN A 30 -8.15 4.05 2.91
N HIS A 31 -6.85 3.82 2.87
CA HIS A 31 -6.00 4.42 1.85
C HIS A 31 -6.32 3.84 0.48
N GLN A 32 -6.36 2.51 0.39
CA GLN A 32 -6.66 1.83 -0.86
C GLN A 32 -7.78 2.54 -1.61
N LYS A 33 -8.66 3.20 -0.87
CA LYS A 33 -9.78 3.92 -1.47
C LYS A 33 -9.29 4.90 -2.52
N THR A 34 -8.26 5.67 -2.18
CA THR A 34 -7.70 6.65 -3.11
C THR A 34 -7.18 5.98 -4.37
N HIS A 35 -6.76 4.73 -4.25
CA HIS A 35 -6.26 3.97 -5.39
C HIS A 35 -7.40 3.45 -6.25
N THR A 36 -8.41 2.87 -5.61
CA THR A 36 -9.56 2.33 -6.33
C THR A 36 -10.70 3.34 -6.35
N GLY A 37 -10.92 3.97 -7.51
CA GLY A 37 -11.98 4.94 -7.64
C GLY A 37 -11.80 5.85 -8.83
N GLU A 38 -11.30 7.06 -8.58
CA GLU A 38 -11.09 8.02 -9.66
C GLU A 38 -9.76 7.76 -10.36
N LYS A 39 -9.56 8.40 -11.51
CA LYS A 39 -8.33 8.24 -12.27
C LYS A 39 -7.13 8.01 -11.36
N PRO A 40 -6.79 6.72 -11.16
CA PRO A 40 -5.66 6.34 -10.30
C PRO A 40 -4.32 6.72 -10.90
N SER A 41 -3.74 7.82 -10.43
CA SER A 41 -2.46 8.29 -10.93
C SER A 41 -1.31 7.56 -10.24
N GLY A 42 -0.90 6.43 -10.83
CA GLY A 42 0.19 5.66 -10.26
C GLY A 42 0.64 4.54 -11.17
N PRO A 43 1.77 3.91 -10.83
CA PRO A 43 2.33 2.80 -11.62
C PRO A 43 1.47 1.54 -11.53
N SER A 44 0.88 1.16 -12.65
CA SER A 44 0.03 -0.03 -12.69
C SER A 44 0.81 -1.27 -12.29
N SER A 45 1.95 -1.49 -12.94
CA SER A 45 2.80 -2.64 -12.64
C SER A 45 4.23 -2.21 -12.35
N GLY A 46 4.56 -2.14 -11.06
CA GLY A 46 5.90 -1.73 -10.67
C GLY A 46 6.00 -1.43 -9.19
N GLY A 1 17.85 4.26 -0.17
CA GLY A 1 19.06 4.53 0.57
C GLY A 1 19.80 3.27 0.96
N SER A 2 21.03 3.42 1.42
CA SER A 2 21.85 2.27 1.82
C SER A 2 21.33 1.67 3.13
N SER A 3 21.74 0.44 3.41
CA SER A 3 21.32 -0.25 4.62
C SER A 3 22.35 -0.06 5.74
N GLY A 4 21.89 -0.14 6.98
CA GLY A 4 22.78 0.03 8.12
C GLY A 4 22.21 0.96 9.17
N SER A 5 21.63 2.07 8.72
CA SER A 5 21.04 3.04 9.63
C SER A 5 20.42 2.35 10.85
N SER A 6 20.82 2.80 12.04
CA SER A 6 20.31 2.23 13.27
C SER A 6 18.79 2.27 13.31
N GLY A 7 18.16 1.09 13.23
CA GLY A 7 16.71 1.03 13.25
C GLY A 7 16.15 0.28 12.06
N THR A 8 14.97 -0.30 12.22
CA THR A 8 14.33 -1.05 11.15
C THR A 8 12.83 -0.78 11.12
N GLY A 9 12.26 -0.71 9.92
CA GLY A 9 10.84 -0.47 9.77
C GLY A 9 10.13 -1.60 9.07
N GLU A 10 9.44 -2.44 9.83
CA GLU A 10 8.72 -3.57 9.27
C GLU A 10 7.23 -3.47 9.60
N LYS A 11 6.39 -3.78 8.61
CA LYS A 11 4.94 -3.73 8.79
C LYS A 11 4.26 -4.81 7.98
N PRO A 12 3.24 -5.46 8.58
CA PRO A 12 2.48 -6.52 7.92
C PRO A 12 1.61 -6.01 6.78
N TYR A 13 1.26 -4.72 6.86
CA TYR A 13 0.43 -4.09 5.83
C TYR A 13 1.25 -3.16 4.95
N GLU A 14 1.37 -3.49 3.67
CA GLU A 14 2.11 -2.68 2.73
C GLU A 14 1.35 -2.51 1.43
N CYS A 15 1.44 -1.32 0.85
CA CYS A 15 0.75 -1.01 -0.41
C CYS A 15 1.60 -1.46 -1.60
N LYS A 16 0.96 -1.53 -2.77
CA LYS A 16 1.64 -1.93 -3.99
C LYS A 16 1.80 -0.75 -4.94
N VAL A 17 0.83 0.16 -4.92
CA VAL A 17 0.86 1.33 -5.78
C VAL A 17 1.92 2.32 -5.32
N CYS A 18 1.78 2.80 -4.08
CA CYS A 18 2.72 3.76 -3.51
C CYS A 18 3.67 3.06 -2.53
N SER A 19 3.73 1.74 -2.60
CA SER A 19 4.59 0.96 -1.73
C SER A 19 4.63 1.57 -0.32
N LYS A 20 3.53 2.19 0.08
CA LYS A 20 3.43 2.81 1.39
C LYS A 20 2.99 1.81 2.44
N ALA A 21 3.80 1.65 3.49
CA ALA A 21 3.48 0.72 4.57
C ALA A 21 2.77 1.43 5.71
N PHE A 22 1.85 0.72 6.36
CA PHE A 22 1.10 1.28 7.47
C PHE A 22 1.26 0.44 8.73
N THR A 23 0.74 0.93 9.85
CA THR A 23 0.83 0.22 11.12
C THR A 23 -0.39 -0.65 11.35
N GLN A 24 -1.57 -0.12 11.02
CA GLN A 24 -2.81 -0.86 11.20
C GLN A 24 -3.58 -0.94 9.89
N LYS A 25 -4.07 -2.13 9.56
CA LYS A 25 -4.84 -2.33 8.33
C LYS A 25 -5.84 -1.21 8.12
N ALA A 26 -6.62 -0.91 9.16
CA ALA A 26 -7.62 0.14 9.08
C ALA A 26 -7.12 1.32 8.25
N HIS A 27 -5.86 1.67 8.43
CA HIS A 27 -5.25 2.78 7.69
C HIS A 27 -5.10 2.43 6.22
N LEU A 28 -4.58 1.23 5.94
CA LEU A 28 -4.38 0.77 4.57
C LEU A 28 -5.71 0.74 3.82
N ALA A 29 -6.68 0.03 4.37
CA ALA A 29 -7.99 -0.09 3.75
C ALA A 29 -8.56 1.30 3.42
N GLN A 30 -8.46 2.21 4.37
CA GLN A 30 -8.96 3.57 4.17
C GLN A 30 -8.14 4.31 3.13
N HIS A 31 -6.92 3.84 2.89
CA HIS A 31 -6.03 4.45 1.92
C HIS A 31 -6.30 3.91 0.51
N GLN A 32 -6.13 2.61 0.34
CA GLN A 32 -6.36 1.97 -0.95
C GLN A 32 -7.54 2.60 -1.68
N LYS A 33 -8.54 3.01 -0.90
CA LYS A 33 -9.74 3.63 -1.46
C LYS A 33 -9.37 4.65 -2.53
N THR A 34 -8.41 5.51 -2.20
CA THR A 34 -7.96 6.54 -3.13
C THR A 34 -7.42 5.92 -4.42
N HIS A 35 -6.73 4.79 -4.29
CA HIS A 35 -6.17 4.10 -5.46
C HIS A 35 -7.28 3.50 -6.31
N THR A 36 -7.72 4.26 -7.31
CA THR A 36 -8.78 3.82 -8.21
C THR A 36 -8.65 2.32 -8.49
N GLY A 37 -9.77 1.62 -8.39
CA GLY A 37 -9.77 0.18 -8.64
C GLY A 37 -9.63 -0.15 -10.11
N GLU A 38 -8.39 -0.29 -10.56
CA GLU A 38 -8.11 -0.62 -11.96
C GLU A 38 -9.06 -1.70 -12.46
N LYS A 39 -9.23 -1.77 -13.78
CA LYS A 39 -10.11 -2.76 -14.39
C LYS A 39 -11.38 -2.95 -13.56
N PRO A 40 -12.09 -1.84 -13.32
CA PRO A 40 -13.33 -1.86 -12.54
C PRO A 40 -14.47 -2.54 -13.28
N SER A 41 -15.40 -3.12 -12.53
CA SER A 41 -16.55 -3.80 -13.12
C SER A 41 -17.64 -2.81 -13.51
N GLY A 42 -18.12 -2.05 -12.53
CA GLY A 42 -19.16 -1.08 -12.78
C GLY A 42 -20.43 -1.35 -11.99
N PRO A 43 -20.51 -0.78 -10.78
CA PRO A 43 -21.67 -0.96 -9.90
C PRO A 43 -22.91 -0.26 -10.44
N SER A 44 -23.98 -1.03 -10.63
CA SER A 44 -25.23 -0.49 -11.13
C SER A 44 -26.16 -0.08 -9.99
N SER A 45 -26.33 1.23 -9.82
CA SER A 45 -27.18 1.75 -8.75
C SER A 45 -27.78 3.11 -9.15
N GLY A 46 -29.10 3.18 -9.17
CA GLY A 46 -29.77 4.42 -9.52
C GLY A 46 -29.83 5.40 -8.38
N GLY A 1 24.16 -10.01 2.09
CA GLY A 1 23.98 -8.57 2.25
C GLY A 1 22.62 -8.21 2.79
N SER A 2 22.59 -7.34 3.79
CA SER A 2 21.33 -6.92 4.40
C SER A 2 21.38 -5.44 4.78
N SER A 3 20.21 -4.80 4.79
CA SER A 3 20.12 -3.38 5.12
C SER A 3 19.31 -3.19 6.41
N GLY A 4 20.01 -2.83 7.49
CA GLY A 4 19.34 -2.61 8.76
C GLY A 4 18.79 -3.89 9.34
N SER A 5 19.05 -4.11 10.63
CA SER A 5 18.58 -5.31 11.32
C SER A 5 17.64 -4.95 12.46
N SER A 6 18.00 -3.92 13.22
CA SER A 6 17.19 -3.47 14.34
C SER A 6 15.74 -3.30 13.94
N GLY A 7 14.90 -4.27 14.28
CA GLY A 7 13.49 -4.20 13.95
C GLY A 7 12.62 -4.97 14.92
N THR A 8 11.71 -4.27 15.58
CA THR A 8 10.81 -4.90 16.54
C THR A 8 9.46 -5.19 15.92
N GLY A 9 9.09 -4.41 14.92
CA GLY A 9 7.82 -4.60 14.25
C GLY A 9 7.92 -4.45 12.74
N GLU A 10 7.36 -5.41 12.02
CA GLU A 10 7.40 -5.38 10.56
C GLU A 10 6.02 -5.10 9.99
N LYS A 11 5.76 -3.83 9.68
CA LYS A 11 4.47 -3.42 9.12
C LYS A 11 3.91 -4.50 8.19
N PRO A 12 3.00 -5.33 8.72
CA PRO A 12 2.37 -6.40 7.95
C PRO A 12 1.42 -5.87 6.89
N TYR A 13 1.32 -4.56 6.80
CA TYR A 13 0.43 -3.92 5.82
C TYR A 13 1.21 -2.95 4.94
N GLU A 14 1.41 -3.33 3.68
CA GLU A 14 2.14 -2.48 2.74
C GLU A 14 1.40 -2.38 1.41
N CYS A 15 1.25 -1.16 0.90
CA CYS A 15 0.57 -0.94 -0.36
C CYS A 15 1.40 -1.43 -1.54
N LYS A 16 0.77 -1.57 -2.69
CA LYS A 16 1.45 -2.02 -3.90
C LYS A 16 1.62 -0.88 -4.90
N VAL A 17 0.59 -0.07 -5.05
CA VAL A 17 0.61 1.05 -5.97
C VAL A 17 1.59 2.12 -5.49
N CYS A 18 1.38 2.61 -4.28
CA CYS A 18 2.25 3.64 -3.70
C CYS A 18 3.43 3.00 -2.97
N SER A 19 3.23 1.80 -2.46
CA SER A 19 4.28 1.09 -1.74
C SER A 19 4.53 1.72 -0.38
N LYS A 20 3.45 2.03 0.34
CA LYS A 20 3.54 2.64 1.65
C LYS A 20 3.23 1.63 2.75
N ALA A 21 3.92 1.74 3.88
CA ALA A 21 3.71 0.84 5.00
C ALA A 21 2.84 1.49 6.07
N PHE A 22 1.85 0.74 6.56
CA PHE A 22 0.95 1.24 7.59
C PHE A 22 1.00 0.36 8.84
N THR A 23 0.91 1.00 10.00
CA THR A 23 0.95 0.27 11.27
C THR A 23 -0.35 -0.50 11.50
N GLN A 24 -1.45 0.05 10.99
CA GLN A 24 -2.75 -0.59 11.14
C GLN A 24 -3.34 -0.97 9.79
N LYS A 25 -4.14 -2.03 9.78
CA LYS A 25 -4.77 -2.50 8.54
C LYS A 25 -5.82 -1.51 8.06
N ALA A 26 -6.51 -0.87 9.00
CA ALA A 26 -7.54 0.10 8.67
C ALA A 26 -6.98 1.23 7.80
N HIS A 27 -5.81 1.73 8.18
CA HIS A 27 -5.18 2.81 7.43
C HIS A 27 -4.98 2.41 5.97
N LEU A 28 -4.42 1.23 5.75
CA LEU A 28 -4.18 0.74 4.40
C LEU A 28 -5.50 0.49 3.66
N ALA A 29 -6.38 -0.29 4.27
CA ALA A 29 -7.68 -0.60 3.69
C ALA A 29 -8.42 0.68 3.29
N GLN A 30 -8.36 1.68 4.15
CA GLN A 30 -9.02 2.96 3.90
C GLN A 30 -8.24 3.77 2.88
N HIS A 31 -6.91 3.74 3.00
CA HIS A 31 -6.05 4.49 2.08
C HIS A 31 -6.25 4.03 0.65
N GLN A 32 -6.13 2.72 0.42
CA GLN A 32 -6.31 2.17 -0.91
C GLN A 32 -7.38 2.93 -1.70
N LYS A 33 -8.51 3.17 -1.04
CA LYS A 33 -9.61 3.90 -1.68
C LYS A 33 -9.08 5.02 -2.56
N THR A 34 -8.17 5.82 -2.01
CA THR A 34 -7.59 6.93 -2.75
C THR A 34 -7.17 6.51 -4.15
N HIS A 35 -6.44 5.39 -4.24
CA HIS A 35 -5.98 4.88 -5.51
C HIS A 35 -7.15 4.56 -6.43
N THR A 36 -7.01 4.90 -7.71
CA THR A 36 -8.07 4.66 -8.68
C THR A 36 -7.79 3.38 -9.47
N GLY A 37 -8.60 2.36 -9.22
CA GLY A 37 -8.44 1.10 -9.92
C GLY A 37 -9.18 -0.04 -9.24
N GLU A 38 -8.69 -0.47 -8.08
CA GLU A 38 -9.32 -1.56 -7.34
C GLU A 38 -10.19 -1.01 -6.21
N LYS A 39 -10.88 0.08 -6.48
CA LYS A 39 -11.75 0.70 -5.48
C LYS A 39 -13.22 0.42 -5.78
N PRO A 40 -14.04 0.40 -4.73
CA PRO A 40 -15.48 0.14 -4.86
C PRO A 40 -16.22 1.29 -5.54
N SER A 41 -17.54 1.17 -5.60
CA SER A 41 -18.36 2.20 -6.23
C SER A 41 -18.27 3.52 -5.47
N GLY A 42 -18.50 3.45 -4.16
CA GLY A 42 -18.43 4.64 -3.34
C GLY A 42 -19.66 5.52 -3.48
N PRO A 43 -20.06 6.18 -2.38
CA PRO A 43 -21.24 7.06 -2.36
C PRO A 43 -21.00 8.33 -3.16
N SER A 44 -21.89 8.58 -4.12
CA SER A 44 -21.78 9.78 -4.96
C SER A 44 -22.85 10.80 -4.58
N SER A 45 -22.43 11.81 -3.82
CA SER A 45 -23.35 12.85 -3.38
C SER A 45 -23.42 13.98 -4.41
N GLY A 46 -22.25 14.50 -4.79
CA GLY A 46 -22.20 15.57 -5.76
C GLY A 46 -21.38 16.75 -5.27
N GLY A 1 31.36 -1.15 -0.42
CA GLY A 1 30.27 -2.08 -0.64
C GLY A 1 29.56 -2.45 0.65
N SER A 2 29.90 -3.61 1.20
CA SER A 2 29.29 -4.08 2.43
C SER A 2 27.80 -3.75 2.47
N SER A 3 27.13 -3.93 1.34
CA SER A 3 25.71 -3.64 1.23
C SER A 3 24.87 -4.85 1.66
N GLY A 4 23.91 -4.61 2.54
CA GLY A 4 23.06 -5.68 3.02
C GLY A 4 21.61 -5.25 3.16
N SER A 5 20.75 -6.19 3.55
CA SER A 5 19.33 -5.89 3.72
C SER A 5 18.98 -5.77 5.20
N SER A 6 19.34 -4.64 5.79
CA SER A 6 19.07 -4.39 7.20
C SER A 6 18.43 -3.02 7.40
N GLY A 7 17.49 -2.68 6.52
CA GLY A 7 16.82 -1.41 6.61
C GLY A 7 15.57 -1.47 7.48
N THR A 8 15.29 -0.37 8.18
CA THR A 8 14.13 -0.30 9.06
C THR A 8 12.87 0.02 8.28
N GLY A 9 11.76 -0.61 8.66
CA GLY A 9 10.49 -0.37 7.99
C GLY A 9 9.89 -1.65 7.43
N GLU A 10 9.76 -2.66 8.28
CA GLU A 10 9.20 -3.94 7.86
C GLU A 10 7.85 -4.20 8.55
N LYS A 11 6.80 -3.58 8.02
CA LYS A 11 5.46 -3.74 8.58
C LYS A 11 4.67 -4.81 7.83
N PRO A 12 3.71 -5.43 8.51
CA PRO A 12 2.87 -6.48 7.92
C PRO A 12 1.89 -5.92 6.88
N TYR A 13 1.96 -4.61 6.67
CA TYR A 13 1.10 -3.94 5.70
C TYR A 13 1.91 -3.11 4.72
N GLU A 14 1.80 -3.43 3.44
CA GLU A 14 2.52 -2.71 2.40
C GLU A 14 1.67 -2.56 1.14
N CYS A 15 1.44 -1.32 0.73
CA CYS A 15 0.64 -1.04 -0.46
C CYS A 15 1.35 -1.53 -1.71
N LYS A 16 0.60 -1.61 -2.81
CA LYS A 16 1.16 -2.07 -4.08
C LYS A 16 1.33 -0.90 -5.05
N VAL A 17 0.46 0.10 -4.93
CA VAL A 17 0.52 1.28 -5.79
C VAL A 17 1.61 2.24 -5.33
N CYS A 18 1.40 2.86 -4.18
CA CYS A 18 2.37 3.80 -3.63
C CYS A 18 3.47 3.06 -2.86
N SER A 19 3.19 1.82 -2.50
CA SER A 19 4.16 1.01 -1.75
C SER A 19 4.45 1.64 -0.39
N LYS A 20 3.40 2.00 0.32
CA LYS A 20 3.54 2.61 1.64
C LYS A 20 3.19 1.61 2.74
N ALA A 21 3.92 1.68 3.86
CA ALA A 21 3.68 0.79 4.98
C ALA A 21 2.81 1.46 6.04
N PHE A 22 1.99 0.64 6.71
CA PHE A 22 1.10 1.16 7.75
C PHE A 22 1.22 0.33 9.02
N THR A 23 0.68 0.85 10.11
CA THR A 23 0.72 0.16 11.40
C THR A 23 -0.58 -0.60 11.66
N GLN A 24 -1.65 -0.15 11.02
CA GLN A 24 -2.96 -0.78 11.19
C GLN A 24 -3.59 -1.08 9.84
N LYS A 25 -4.67 -1.87 9.86
CA LYS A 25 -5.38 -2.22 8.63
C LYS A 25 -6.24 -1.07 8.14
N ALA A 26 -7.12 -0.59 9.01
CA ALA A 26 -8.01 0.52 8.67
C ALA A 26 -7.27 1.59 7.87
N HIS A 27 -6.05 1.89 8.31
CA HIS A 27 -5.23 2.91 7.63
C HIS A 27 -4.97 2.51 6.18
N LEU A 28 -4.42 1.33 5.99
CA LEU A 28 -4.11 0.84 4.65
C LEU A 28 -5.38 0.66 3.83
N ALA A 29 -6.30 -0.14 4.34
CA ALA A 29 -7.58 -0.39 3.66
C ALA A 29 -8.25 0.91 3.27
N GLN A 30 -8.43 1.80 4.24
CA GLN A 30 -9.06 3.09 4.00
C GLN A 30 -8.27 3.90 2.98
N HIS A 31 -6.97 3.62 2.89
CA HIS A 31 -6.11 4.33 1.96
C HIS A 31 -6.29 3.82 0.53
N GLN A 32 -6.34 2.50 0.39
CA GLN A 32 -6.52 1.88 -0.92
C GLN A 32 -7.54 2.65 -1.75
N LYS A 33 -8.58 3.15 -1.09
CA LYS A 33 -9.62 3.91 -1.77
C LYS A 33 -9.01 4.98 -2.67
N THR A 34 -8.08 5.76 -2.14
CA THR A 34 -7.42 6.81 -2.90
C THR A 34 -6.80 6.26 -4.17
N HIS A 35 -6.54 4.95 -4.19
CA HIS A 35 -5.96 4.30 -5.36
C HIS A 35 -7.05 3.76 -6.28
N THR A 36 -6.94 4.07 -7.57
CA THR A 36 -7.91 3.62 -8.56
C THR A 36 -8.16 2.13 -8.43
N GLY A 37 -9.43 1.74 -8.39
CA GLY A 37 -9.78 0.34 -8.27
C GLY A 37 -11.17 0.13 -7.72
N GLU A 38 -12.15 0.77 -8.33
CA GLU A 38 -13.54 0.66 -7.88
C GLU A 38 -14.50 1.05 -9.00
N LYS A 39 -15.59 0.30 -9.13
CA LYS A 39 -16.59 0.58 -10.15
C LYS A 39 -17.97 0.09 -9.72
N PRO A 40 -18.96 0.99 -9.75
CA PRO A 40 -20.34 0.67 -9.36
C PRO A 40 -21.02 -0.26 -10.36
N SER A 41 -22.15 -0.83 -9.94
CA SER A 41 -22.90 -1.74 -10.79
C SER A 41 -24.13 -1.05 -11.38
N GLY A 42 -24.35 -1.25 -12.68
CA GLY A 42 -25.49 -0.65 -13.33
C GLY A 42 -26.79 -0.91 -12.61
N PRO A 43 -27.51 -1.95 -13.05
CA PRO A 43 -28.79 -2.33 -12.44
C PRO A 43 -28.63 -2.92 -11.05
N SER A 44 -29.68 -2.83 -10.24
CA SER A 44 -29.65 -3.33 -8.88
C SER A 44 -29.51 -4.85 -8.87
N SER A 45 -28.45 -5.35 -8.22
CA SER A 45 -28.20 -6.78 -8.14
C SER A 45 -28.34 -7.27 -6.71
N GLY A 46 -28.37 -8.59 -6.54
CA GLY A 46 -28.50 -9.18 -5.22
C GLY A 46 -27.62 -8.49 -4.19
N GLY A 1 25.43 4.49 -4.04
CA GLY A 1 24.32 4.25 -3.15
C GLY A 1 24.45 2.93 -2.41
N SER A 2 23.54 2.69 -1.46
CA SER A 2 23.57 1.45 -0.68
C SER A 2 22.19 1.16 -0.10
N SER A 3 21.89 -0.12 0.08
CA SER A 3 20.60 -0.54 0.63
C SER A 3 20.78 -1.17 2.01
N GLY A 4 19.92 -0.78 2.95
CA GLY A 4 19.99 -1.32 4.29
C GLY A 4 19.39 -0.39 5.33
N SER A 5 18.21 -0.75 5.82
CA SER A 5 17.52 0.06 6.82
C SER A 5 16.75 -0.82 7.80
N SER A 6 17.17 -0.80 9.06
CA SER A 6 16.52 -1.60 10.10
C SER A 6 15.80 -0.71 11.10
N GLY A 7 14.48 -0.66 10.98
CA GLY A 7 13.68 0.16 11.88
C GLY A 7 13.11 -0.64 13.03
N THR A 8 11.82 -0.46 13.30
CA THR A 8 11.15 -1.17 14.38
C THR A 8 10.34 -2.35 13.86
N GLY A 9 10.86 -2.99 12.81
CA GLY A 9 10.18 -4.13 12.23
C GLY A 9 9.45 -3.78 10.94
N GLU A 10 9.07 -4.80 10.19
CA GLU A 10 8.37 -4.60 8.92
C GLU A 10 6.86 -4.73 9.12
N LYS A 11 6.14 -3.66 8.79
CA LYS A 11 4.68 -3.66 8.94
C LYS A 11 4.04 -4.69 8.01
N PRO A 12 3.02 -5.39 8.52
CA PRO A 12 2.30 -6.40 7.76
C PRO A 12 1.46 -5.81 6.63
N TYR A 13 1.29 -4.49 6.66
CA TYR A 13 0.50 -3.80 5.66
C TYR A 13 1.40 -3.02 4.70
N GLU A 14 1.37 -3.38 3.43
CA GLU A 14 2.18 -2.71 2.41
C GLU A 14 1.42 -2.58 1.10
N CYS A 15 1.37 -1.36 0.58
CA CYS A 15 0.67 -1.10 -0.69
C CYS A 15 1.52 -1.50 -1.88
N LYS A 16 0.90 -1.59 -3.04
CA LYS A 16 1.61 -1.97 -4.26
C LYS A 16 1.74 -0.78 -5.20
N VAL A 17 0.78 0.14 -5.13
CA VAL A 17 0.80 1.33 -5.98
C VAL A 17 1.84 2.33 -5.49
N CYS A 18 1.65 2.85 -4.28
CA CYS A 18 2.57 3.81 -3.70
C CYS A 18 3.68 3.11 -2.91
N SER A 19 3.41 1.87 -2.52
CA SER A 19 4.38 1.09 -1.76
C SER A 19 4.59 1.69 -0.38
N LYS A 20 3.50 2.05 0.29
CA LYS A 20 3.56 2.64 1.62
C LYS A 20 3.10 1.65 2.68
N ALA A 21 3.80 1.62 3.81
CA ALA A 21 3.45 0.71 4.90
C ALA A 21 2.64 1.43 5.97
N PHE A 22 1.88 0.67 6.75
CA PHE A 22 1.06 1.24 7.80
C PHE A 22 1.09 0.36 9.06
N THR A 23 0.79 0.96 10.20
CA THR A 23 0.80 0.24 11.47
C THR A 23 -0.46 -0.61 11.62
N GLN A 24 -1.60 -0.03 11.25
CA GLN A 24 -2.87 -0.75 11.34
C GLN A 24 -3.48 -0.97 9.96
N LYS A 25 -4.44 -1.89 9.87
CA LYS A 25 -5.10 -2.19 8.61
C LYS A 25 -6.06 -1.07 8.22
N ALA A 26 -6.81 -0.57 9.20
CA ALA A 26 -7.77 0.50 8.95
C ALA A 26 -7.14 1.61 8.11
N HIS A 27 -5.87 1.90 8.37
CA HIS A 27 -5.15 2.94 7.63
C HIS A 27 -4.90 2.51 6.19
N LEU A 28 -4.45 1.27 6.02
CA LEU A 28 -4.17 0.76 4.69
C LEU A 28 -5.44 0.68 3.85
N ALA A 29 -6.42 -0.08 4.34
CA ALA A 29 -7.69 -0.23 3.64
C ALA A 29 -8.29 1.12 3.29
N GLN A 30 -8.31 2.03 4.25
CA GLN A 30 -8.85 3.37 4.04
C GLN A 30 -8.08 4.11 2.96
N HIS A 31 -6.87 3.62 2.65
CA HIS A 31 -6.04 4.23 1.63
C HIS A 31 -6.24 3.55 0.28
N GLN A 32 -6.22 2.22 0.29
CA GLN A 32 -6.40 1.45 -0.93
C GLN A 32 -7.51 2.04 -1.79
N LYS A 33 -8.43 2.75 -1.15
CA LYS A 33 -9.55 3.37 -1.86
C LYS A 33 -9.15 4.73 -2.43
N THR A 34 -8.30 5.44 -1.69
CA THR A 34 -7.84 6.76 -2.12
C THR A 34 -7.21 6.69 -3.51
N HIS A 35 -6.58 5.56 -3.81
CA HIS A 35 -5.93 5.37 -5.11
C HIS A 35 -6.97 5.37 -6.23
N THR A 36 -6.49 5.37 -7.47
CA THR A 36 -7.37 5.38 -8.64
C THR A 36 -7.16 4.13 -9.49
N GLY A 37 -8.26 3.45 -9.81
CA GLY A 37 -8.17 2.25 -10.63
C GLY A 37 -9.50 1.54 -10.75
N GLU A 38 -9.92 1.27 -11.99
CA GLU A 38 -11.18 0.59 -12.24
C GLU A 38 -10.94 -0.86 -12.63
N LYS A 39 -9.88 -1.46 -12.10
CA LYS A 39 -9.54 -2.85 -12.39
C LYS A 39 -10.78 -3.73 -12.31
N PRO A 40 -10.76 -4.84 -13.06
CA PRO A 40 -11.87 -5.81 -13.09
C PRO A 40 -12.02 -6.57 -11.79
N SER A 41 -13.08 -7.35 -11.68
CA SER A 41 -13.34 -8.14 -10.48
C SER A 41 -13.17 -9.63 -10.76
N GLY A 42 -11.92 -10.09 -10.77
CA GLY A 42 -11.66 -11.50 -11.02
C GLY A 42 -12.15 -11.94 -12.38
N PRO A 43 -11.40 -12.86 -13.01
CA PRO A 43 -11.75 -13.39 -14.33
C PRO A 43 -12.99 -14.28 -14.30
N SER A 44 -13.39 -14.68 -13.10
CA SER A 44 -14.57 -15.52 -12.93
C SER A 44 -15.13 -15.40 -11.52
N SER A 45 -16.45 -15.50 -11.40
CA SER A 45 -17.11 -15.39 -10.11
C SER A 45 -16.83 -14.04 -9.46
N GLY A 46 -17.09 -12.97 -10.19
CA GLY A 46 -16.85 -11.64 -9.67
C GLY A 46 -18.09 -10.76 -9.76
N GLY A 1 31.49 6.61 7.86
CA GLY A 1 30.58 5.63 8.41
C GLY A 1 29.32 5.48 7.58
N SER A 2 29.19 4.34 6.90
CA SER A 2 28.03 4.09 6.05
C SER A 2 26.74 4.21 6.87
N SER A 3 25.61 4.27 6.16
CA SER A 3 24.31 4.39 6.81
C SER A 3 23.35 3.33 6.30
N GLY A 4 22.89 2.46 7.20
CA GLY A 4 21.96 1.42 6.81
C GLY A 4 20.58 1.61 7.42
N SER A 5 19.99 0.51 7.89
CA SER A 5 18.67 0.56 8.49
C SER A 5 17.60 0.82 7.44
N SER A 6 17.73 0.14 6.30
CA SER A 6 16.78 0.29 5.20
C SER A 6 15.36 0.40 5.73
N GLY A 7 14.92 -0.62 6.45
CA GLY A 7 13.58 -0.61 7.01
C GLY A 7 13.57 -0.43 8.51
N THR A 8 12.38 -0.21 9.07
CA THR A 8 12.25 -0.02 10.51
C THR A 8 10.93 -0.60 11.01
N GLY A 9 10.87 -0.87 12.31
CA GLY A 9 9.66 -1.42 12.91
C GLY A 9 9.17 -2.64 12.16
N GLU A 10 7.93 -3.05 12.43
CA GLU A 10 7.34 -4.21 11.78
C GLU A 10 5.96 -3.87 11.21
N LYS A 11 5.96 -3.27 10.03
CA LYS A 11 4.71 -2.89 9.36
C LYS A 11 4.43 -3.80 8.17
N PRO A 12 3.75 -4.93 8.43
CA PRO A 12 3.40 -5.89 7.39
C PRO A 12 2.35 -5.36 6.42
N TYR A 13 1.85 -4.16 6.71
CA TYR A 13 0.84 -3.53 5.86
C TYR A 13 1.49 -2.64 4.81
N GLU A 14 1.91 -3.25 3.70
CA GLU A 14 2.54 -2.52 2.62
C GLU A 14 1.64 -2.47 1.39
N CYS A 15 1.37 -1.26 0.89
CA CYS A 15 0.52 -1.09 -0.28
C CYS A 15 1.18 -1.68 -1.52
N LYS A 16 0.40 -1.85 -2.58
CA LYS A 16 0.91 -2.41 -3.83
C LYS A 16 1.07 -1.31 -4.87
N VAL A 17 0.35 -0.21 -4.70
CA VAL A 17 0.41 0.91 -5.63
C VAL A 17 1.56 1.86 -5.26
N CYS A 18 1.38 2.57 -4.16
CA CYS A 18 2.40 3.51 -3.70
C CYS A 18 3.48 2.80 -2.88
N SER A 19 3.18 1.58 -2.46
CA SER A 19 4.11 0.79 -1.67
C SER A 19 4.40 1.47 -0.34
N LYS A 20 3.34 1.92 0.33
CA LYS A 20 3.47 2.58 1.62
C LYS A 20 3.22 1.61 2.76
N ALA A 21 3.91 1.83 3.87
CA ALA A 21 3.76 0.97 5.05
C ALA A 21 2.83 1.60 6.08
N PHE A 22 2.10 0.76 6.80
CA PHE A 22 1.17 1.25 7.83
C PHE A 22 1.25 0.37 9.07
N THR A 23 0.43 0.71 10.07
CA THR A 23 0.41 -0.04 11.33
C THR A 23 -0.96 -0.68 11.56
N GLN A 24 -2.00 -0.01 11.10
CA GLN A 24 -3.37 -0.50 11.26
C GLN A 24 -3.97 -0.87 9.90
N LYS A 25 -4.38 -2.12 9.77
CA LYS A 25 -4.98 -2.60 8.53
C LYS A 25 -6.03 -1.61 8.01
N ALA A 26 -6.66 -0.90 8.93
CA ALA A 26 -7.68 0.09 8.58
C ALA A 26 -7.08 1.21 7.73
N HIS A 27 -5.90 1.68 8.13
CA HIS A 27 -5.22 2.76 7.41
C HIS A 27 -4.81 2.30 6.01
N LEU A 28 -4.41 1.04 5.90
CA LEU A 28 -3.99 0.47 4.63
C LEU A 28 -5.18 0.35 3.67
N ALA A 29 -6.22 -0.33 4.13
CA ALA A 29 -7.42 -0.51 3.31
C ALA A 29 -8.13 0.80 3.06
N GLN A 30 -8.28 1.60 4.11
CA GLN A 30 -8.94 2.89 4.00
C GLN A 30 -8.18 3.82 3.05
N HIS A 31 -6.89 3.56 2.91
CA HIS A 31 -6.04 4.37 2.03
C HIS A 31 -6.30 4.04 0.57
N GLN A 32 -6.27 2.75 0.24
CA GLN A 32 -6.50 2.31 -1.13
C GLN A 32 -7.55 3.18 -1.82
N LYS A 33 -8.60 3.53 -1.07
CA LYS A 33 -9.66 4.37 -1.61
C LYS A 33 -9.10 5.47 -2.52
N THR A 34 -8.10 6.18 -2.01
CA THR A 34 -7.48 7.26 -2.77
C THR A 34 -7.09 6.79 -4.17
N HIS A 35 -6.44 5.63 -4.24
CA HIS A 35 -6.01 5.07 -5.51
C HIS A 35 -7.20 4.85 -6.44
N THR A 36 -8.22 4.16 -5.94
CA THR A 36 -9.42 3.88 -6.72
C THR A 36 -9.77 5.06 -7.61
N GLY A 37 -9.66 6.26 -7.07
CA GLY A 37 -9.98 7.46 -7.84
C GLY A 37 -8.74 8.25 -8.21
N GLU A 38 -8.76 9.54 -7.92
CA GLU A 38 -7.62 10.40 -8.24
C GLU A 38 -7.29 11.32 -7.06
N LYS A 39 -6.02 11.29 -6.65
CA LYS A 39 -5.57 12.12 -5.53
C LYS A 39 -4.06 12.02 -5.37
N PRO A 40 -3.42 13.17 -5.06
CA PRO A 40 -1.98 13.25 -4.87
C PRO A 40 -1.52 12.53 -3.60
N SER A 41 -0.65 11.54 -3.77
CA SER A 41 -0.14 10.77 -2.63
C SER A 41 0.64 11.68 -1.68
N GLY A 42 0.13 11.82 -0.47
CA GLY A 42 0.79 12.65 0.52
C GLY A 42 1.09 11.91 1.81
N PRO A 43 2.21 12.24 2.45
CA PRO A 43 2.62 11.61 3.71
C PRO A 43 1.72 12.01 4.88
N SER A 44 0.82 11.11 5.25
CA SER A 44 -0.09 11.36 6.35
C SER A 44 0.10 10.34 7.47
N SER A 45 0.14 10.83 8.71
CA SER A 45 0.33 9.96 9.87
C SER A 45 -0.91 9.12 10.12
N GLY A 46 -0.81 8.20 11.08
CA GLY A 46 -1.93 7.34 11.40
C GLY A 46 -2.53 7.66 12.76
N GLY A 1 13.08 -16.62 -14.34
CA GLY A 1 14.13 -17.04 -13.44
C GLY A 1 14.84 -15.87 -12.80
N SER A 2 14.55 -15.63 -11.53
CA SER A 2 15.18 -14.53 -10.80
C SER A 2 14.88 -14.63 -9.30
N SER A 3 15.90 -14.36 -8.48
CA SER A 3 15.76 -14.43 -7.04
C SER A 3 16.05 -13.08 -6.40
N GLY A 4 15.00 -12.31 -6.13
CA GLY A 4 15.17 -11.00 -5.52
C GLY A 4 14.03 -10.65 -4.59
N SER A 5 14.35 -9.97 -3.50
CA SER A 5 13.34 -9.56 -2.52
C SER A 5 13.74 -8.27 -1.82
N SER A 6 12.83 -7.32 -1.78
CA SER A 6 13.08 -6.03 -1.13
C SER A 6 12.18 -5.83 0.08
N GLY A 7 12.47 -4.80 0.86
CA GLY A 7 11.67 -4.52 2.03
C GLY A 7 11.54 -3.02 2.30
N THR A 8 10.44 -2.44 1.86
CA THR A 8 10.20 -1.01 2.05
C THR A 8 9.64 -0.74 3.45
N GLY A 9 10.21 -1.41 4.44
CA GLY A 9 9.76 -1.22 5.81
C GLY A 9 9.55 -2.53 6.55
N GLU A 10 9.17 -2.45 7.82
CA GLU A 10 8.94 -3.64 8.63
C GLU A 10 7.54 -3.62 9.23
N LYS A 11 6.54 -3.85 8.39
CA LYS A 11 5.15 -3.86 8.84
C LYS A 11 4.36 -4.95 8.12
N PRO A 12 3.30 -5.44 8.77
CA PRO A 12 2.44 -6.49 8.21
C PRO A 12 1.60 -5.99 7.04
N TYR A 13 1.37 -4.68 7.00
CA TYR A 13 0.59 -4.07 5.94
C TYR A 13 1.46 -3.18 5.06
N GLU A 14 1.51 -3.49 3.77
CA GLU A 14 2.31 -2.71 2.83
C GLU A 14 1.59 -2.59 1.49
N CYS A 15 1.40 -1.35 1.04
CA CYS A 15 0.72 -1.08 -0.22
C CYS A 15 1.59 -1.50 -1.40
N LYS A 16 0.99 -1.60 -2.58
CA LYS A 16 1.71 -1.99 -3.78
C LYS A 16 1.81 -0.83 -4.76
N VAL A 17 0.76 -0.01 -4.80
CA VAL A 17 0.73 1.15 -5.69
C VAL A 17 1.79 2.17 -5.31
N CYS A 18 1.74 2.62 -4.05
CA CYS A 18 2.70 3.60 -3.56
C CYS A 18 3.64 2.97 -2.54
N SER A 19 3.75 1.64 -2.59
CA SER A 19 4.62 0.92 -1.66
C SER A 19 4.59 1.56 -0.27
N LYS A 20 3.48 2.18 0.06
CA LYS A 20 3.32 2.84 1.36
C LYS A 20 2.99 1.83 2.44
N ALA A 21 3.81 1.79 3.49
CA ALA A 21 3.60 0.86 4.60
C ALA A 21 2.84 1.53 5.73
N PHE A 22 1.97 0.77 6.38
CA PHE A 22 1.16 1.28 7.47
C PHE A 22 1.32 0.40 8.72
N THR A 23 0.95 0.95 9.87
CA THR A 23 1.04 0.23 11.13
C THR A 23 -0.20 -0.63 11.36
N GLN A 24 -1.33 -0.17 10.84
CA GLN A 24 -2.59 -0.89 10.99
C GLN A 24 -3.22 -1.19 9.63
N LYS A 25 -4.31 -1.95 9.65
CA LYS A 25 -5.01 -2.30 8.42
C LYS A 25 -5.99 -1.21 8.01
N ALA A 26 -6.71 -0.66 8.99
CA ALA A 26 -7.68 0.39 8.74
C ALA A 26 -7.08 1.49 7.88
N HIS A 27 -5.83 1.82 8.13
CA HIS A 27 -5.14 2.86 7.38
C HIS A 27 -4.96 2.44 5.92
N LEU A 28 -4.55 1.20 5.71
CA LEU A 28 -4.35 0.68 4.36
C LEU A 28 -5.68 0.52 3.63
N ALA A 29 -6.57 -0.28 4.21
CA ALA A 29 -7.88 -0.52 3.61
C ALA A 29 -8.56 0.79 3.25
N GLN A 30 -8.49 1.76 4.15
CA GLN A 30 -9.10 3.08 3.92
C GLN A 30 -8.31 3.87 2.89
N HIS A 31 -6.99 3.70 2.89
CA HIS A 31 -6.12 4.40 1.96
C HIS A 31 -6.41 3.98 0.53
N GLN A 32 -6.48 2.66 0.31
CA GLN A 32 -6.75 2.13 -1.02
C GLN A 32 -7.84 2.93 -1.73
N LYS A 33 -8.90 3.26 -0.99
CA LYS A 33 -10.01 4.03 -1.55
C LYS A 33 -9.49 5.21 -2.37
N THR A 34 -8.44 5.87 -1.87
CA THR A 34 -7.86 7.00 -2.56
C THR A 34 -7.34 6.61 -3.93
N HIS A 35 -6.80 5.40 -4.04
CA HIS A 35 -6.27 4.90 -5.29
C HIS A 35 -7.39 4.71 -6.32
N THR A 36 -8.45 4.04 -5.90
CA THR A 36 -9.59 3.79 -6.77
C THR A 36 -10.64 4.88 -6.65
N GLY A 37 -10.19 6.11 -6.45
CA GLY A 37 -11.11 7.23 -6.31
C GLY A 37 -12.39 6.84 -5.59
N GLU A 38 -13.48 6.77 -6.34
CA GLU A 38 -14.78 6.42 -5.76
C GLU A 38 -15.58 5.54 -6.73
N LYS A 39 -16.29 4.57 -6.17
CA LYS A 39 -17.11 3.67 -6.98
C LYS A 39 -17.65 4.38 -8.21
N PRO A 40 -16.95 4.23 -9.35
CA PRO A 40 -17.35 4.85 -10.62
C PRO A 40 -18.62 4.22 -11.20
N SER A 41 -19.69 4.99 -11.21
CA SER A 41 -20.97 4.50 -11.74
C SER A 41 -21.15 3.02 -11.44
N GLY A 42 -20.81 2.63 -10.21
CA GLY A 42 -20.94 1.23 -9.82
C GLY A 42 -22.16 1.00 -8.94
N PRO A 43 -22.76 -0.20 -9.07
CA PRO A 43 -23.94 -0.58 -8.29
C PRO A 43 -23.62 -0.78 -6.81
N SER A 44 -22.37 -0.53 -6.44
CA SER A 44 -21.93 -0.68 -5.05
C SER A 44 -22.36 -2.04 -4.50
N SER A 45 -22.25 -3.07 -5.33
CA SER A 45 -22.63 -4.42 -4.92
C SER A 45 -21.49 -5.11 -4.18
N GLY A 46 -21.78 -5.59 -2.97
CA GLY A 46 -20.77 -6.26 -2.17
C GLY A 46 -20.07 -7.37 -2.95
N GLY A 1 22.23 1.52 -5.71
CA GLY A 1 23.51 2.19 -5.50
C GLY A 1 23.73 2.58 -4.05
N SER A 2 23.33 3.80 -3.70
CA SER A 2 23.49 4.30 -2.34
C SER A 2 22.28 3.95 -1.49
N SER A 3 22.24 2.72 -0.98
CA SER A 3 21.13 2.26 -0.15
C SER A 3 21.62 1.88 1.25
N GLY A 4 21.69 2.87 2.13
CA GLY A 4 22.15 2.61 3.48
C GLY A 4 21.07 2.88 4.52
N SER A 5 20.36 4.00 4.36
CA SER A 5 19.30 4.37 5.29
C SER A 5 18.10 3.44 5.14
N SER A 6 17.78 2.72 6.21
CA SER A 6 16.65 1.80 6.19
C SER A 6 15.99 1.72 7.57
N GLY A 7 14.73 1.32 7.59
CA GLY A 7 14.01 1.22 8.85
C GLY A 7 14.19 -0.14 9.51
N THR A 8 13.55 -0.32 10.66
CA THR A 8 13.66 -1.57 11.40
C THR A 8 12.28 -2.17 11.65
N GLY A 9 12.06 -3.38 11.12
CA GLY A 9 10.78 -4.05 11.30
C GLY A 9 9.86 -3.86 10.11
N GLU A 10 9.57 -4.95 9.41
CA GLU A 10 8.70 -4.90 8.25
C GLU A 10 7.24 -4.97 8.66
N LYS A 11 6.43 -4.05 8.13
CA LYS A 11 5.01 -3.99 8.44
C LYS A 11 4.24 -5.04 7.64
N PRO A 12 3.22 -5.64 8.28
CA PRO A 12 2.38 -6.66 7.64
C PRO A 12 1.49 -6.08 6.54
N TYR A 13 1.31 -4.77 6.57
CA TYR A 13 0.48 -4.09 5.58
C TYR A 13 1.33 -3.20 4.67
N GLU A 14 1.39 -3.56 3.40
CA GLU A 14 2.17 -2.80 2.43
C GLU A 14 1.38 -2.58 1.14
N CYS A 15 1.29 -1.34 0.71
CA CYS A 15 0.56 -1.00 -0.51
C CYS A 15 1.41 -1.27 -1.74
N LYS A 16 0.78 -1.82 -2.77
CA LYS A 16 1.47 -2.13 -4.02
C LYS A 16 1.17 -1.08 -5.09
N VAL A 17 0.83 0.12 -4.65
CA VAL A 17 0.52 1.21 -5.57
C VAL A 17 1.49 2.38 -5.39
N CYS A 18 1.85 2.66 -4.14
CA CYS A 18 2.77 3.74 -3.84
C CYS A 18 3.86 3.28 -2.86
N SER A 19 3.90 1.98 -2.61
CA SER A 19 4.88 1.41 -1.70
C SER A 19 4.78 2.05 -0.32
N LYS A 20 3.54 2.24 0.14
CA LYS A 20 3.30 2.83 1.45
C LYS A 20 2.96 1.76 2.49
N ALA A 21 3.48 1.93 3.70
CA ALA A 21 3.24 0.98 4.78
C ALA A 21 2.43 1.62 5.90
N PHE A 22 1.59 0.82 6.55
CA PHE A 22 0.76 1.30 7.64
C PHE A 22 0.88 0.40 8.87
N THR A 23 0.85 1.01 10.05
CA THR A 23 0.96 0.26 11.29
C THR A 23 -0.36 -0.43 11.64
N GLN A 24 -1.44 0.01 10.99
CA GLN A 24 -2.75 -0.57 11.23
C GLN A 24 -3.45 -0.90 9.90
N LYS A 25 -4.31 -1.92 9.93
CA LYS A 25 -5.03 -2.33 8.74
C LYS A 25 -5.99 -1.24 8.28
N ALA A 26 -6.89 -0.84 9.17
CA ALA A 26 -7.86 0.20 8.86
C ALA A 26 -7.23 1.33 8.06
N HIS A 27 -6.00 1.68 8.42
CA HIS A 27 -5.27 2.75 7.73
C HIS A 27 -5.02 2.38 6.27
N LEU A 28 -4.63 1.13 6.04
CA LEU A 28 -4.36 0.66 4.69
C LEU A 28 -5.63 0.65 3.85
N ALA A 29 -6.65 -0.05 4.35
CA ALA A 29 -7.92 -0.15 3.65
C ALA A 29 -8.52 1.23 3.39
N GLN A 30 -8.24 2.16 4.30
CA GLN A 30 -8.76 3.53 4.17
C GLN A 30 -7.91 4.33 3.19
N HIS A 31 -6.71 3.82 2.89
CA HIS A 31 -5.81 4.49 1.97
C HIS A 31 -5.97 3.94 0.55
N GLN A 32 -5.79 2.63 0.42
CA GLN A 32 -5.92 1.97 -0.89
C GLN A 32 -7.15 2.47 -1.63
N LYS A 33 -8.18 2.84 -0.87
CA LYS A 33 -9.43 3.33 -1.46
C LYS A 33 -9.16 4.44 -2.45
N THR A 34 -8.20 5.31 -2.13
CA THR A 34 -7.84 6.43 -2.99
C THR A 34 -7.33 5.93 -4.34
N HIS A 35 -6.88 4.68 -4.38
CA HIS A 35 -6.37 4.09 -5.61
C HIS A 35 -7.50 3.48 -6.42
N THR A 36 -7.79 4.07 -7.57
CA THR A 36 -8.85 3.58 -8.45
C THR A 36 -8.38 2.36 -9.24
N GLY A 37 -9.34 1.62 -9.79
CA GLY A 37 -9.01 0.45 -10.57
C GLY A 37 -9.54 -0.83 -9.94
N GLU A 38 -10.56 -1.41 -10.56
CA GLU A 38 -11.16 -2.65 -10.04
C GLU A 38 -10.60 -3.87 -10.77
N LYS A 39 -9.87 -4.69 -10.04
CA LYS A 39 -9.28 -5.90 -10.63
C LYS A 39 -10.33 -6.97 -10.85
N PRO A 40 -10.48 -7.40 -12.11
CA PRO A 40 -11.45 -8.43 -12.48
C PRO A 40 -11.07 -9.81 -11.95
N SER A 41 -12.08 -10.64 -11.67
CA SER A 41 -11.84 -11.98 -11.15
C SER A 41 -10.84 -11.95 -10.00
N GLY A 42 -11.13 -11.14 -8.99
CA GLY A 42 -10.25 -11.04 -7.85
C GLY A 42 -10.45 -12.16 -6.85
N PRO A 43 -9.51 -12.29 -5.90
CA PRO A 43 -9.57 -13.34 -4.87
C PRO A 43 -10.70 -13.10 -3.88
N SER A 44 -11.39 -11.97 -4.02
CA SER A 44 -12.49 -11.63 -3.13
C SER A 44 -13.45 -12.81 -2.98
N SER A 45 -13.96 -12.99 -1.76
CA SER A 45 -14.89 -14.09 -1.48
C SER A 45 -16.32 -13.56 -1.38
N GLY A 46 -17.28 -14.38 -1.83
CA GLY A 46 -18.67 -13.98 -1.79
C GLY A 46 -19.37 -14.48 -0.54
N GLY A 1 30.78 -7.37 13.00
CA GLY A 1 30.08 -6.70 11.92
C GLY A 1 28.61 -7.10 11.86
N SER A 2 27.97 -6.80 10.74
CA SER A 2 26.55 -7.13 10.56
C SER A 2 25.71 -6.57 11.71
N SER A 3 26.02 -5.34 12.12
CA SER A 3 25.30 -4.70 13.21
C SER A 3 24.61 -3.43 12.73
N GLY A 4 23.31 -3.52 12.45
CA GLY A 4 22.56 -2.37 11.99
C GLY A 4 21.19 -2.29 12.62
N SER A 5 20.36 -3.30 12.37
CA SER A 5 19.01 -3.33 12.91
C SER A 5 18.55 -4.77 13.14
N SER A 6 18.25 -5.09 14.40
CA SER A 6 17.80 -6.44 14.76
C SER A 6 16.48 -6.38 15.53
N GLY A 7 15.52 -7.20 15.10
CA GLY A 7 14.24 -7.22 15.77
C GLY A 7 13.08 -7.14 14.79
N THR A 8 12.87 -5.95 14.23
CA THR A 8 11.78 -5.74 13.28
C THR A 8 12.17 -6.23 11.89
N GLY A 9 11.17 -6.34 11.00
CA GLY A 9 11.43 -6.80 9.66
C GLY A 9 10.69 -5.98 8.62
N GLU A 10 9.41 -6.28 8.44
CA GLU A 10 8.58 -5.57 7.47
C GLU A 10 7.13 -5.52 7.92
N LYS A 11 6.52 -4.35 7.85
CA LYS A 11 5.13 -4.16 8.25
C LYS A 11 4.25 -5.25 7.65
N PRO A 12 3.21 -5.65 8.39
CA PRO A 12 2.26 -6.68 7.94
C PRO A 12 1.38 -6.21 6.79
N TYR A 13 1.32 -4.90 6.60
CA TYR A 13 0.52 -4.31 5.54
C TYR A 13 1.33 -3.31 4.72
N GLU A 14 1.51 -3.60 3.44
CA GLU A 14 2.27 -2.72 2.56
C GLU A 14 1.56 -2.55 1.21
N CYS A 15 1.42 -1.31 0.78
CA CYS A 15 0.76 -1.02 -0.50
C CYS A 15 1.66 -1.36 -1.67
N LYS A 16 1.08 -1.44 -2.86
CA LYS A 16 1.83 -1.76 -4.07
C LYS A 16 1.96 -0.53 -4.97
N VAL A 17 0.94 0.31 -4.97
CA VAL A 17 0.95 1.52 -5.78
C VAL A 17 2.02 2.50 -5.29
N CYS A 18 1.87 2.96 -4.06
CA CYS A 18 2.82 3.89 -3.48
C CYS A 18 3.74 3.19 -2.47
N SER A 19 3.87 1.88 -2.63
CA SER A 19 4.72 1.09 -1.73
C SER A 19 4.69 1.65 -0.32
N LYS A 20 3.54 2.20 0.07
CA LYS A 20 3.37 2.76 1.40
C LYS A 20 3.34 1.67 2.46
N ALA A 21 3.69 2.04 3.69
CA ALA A 21 3.69 1.08 4.80
C ALA A 21 2.82 1.57 5.94
N PHE A 22 1.93 0.70 6.42
CA PHE A 22 1.03 1.05 7.52
C PHE A 22 1.18 0.06 8.68
N THR A 23 0.89 0.54 9.89
CA THR A 23 0.99 -0.31 11.07
C THR A 23 -0.30 -1.07 11.33
N GLN A 24 -1.42 -0.43 11.01
CA GLN A 24 -2.74 -1.05 11.20
C GLN A 24 -3.43 -1.27 9.87
N LYS A 25 -4.65 -1.79 9.93
CA LYS A 25 -5.43 -2.06 8.72
C LYS A 25 -6.23 -0.82 8.30
N ALA A 26 -6.98 -0.27 9.24
CA ALA A 26 -7.79 0.92 8.98
C ALA A 26 -7.04 1.90 8.09
N HIS A 27 -5.76 2.12 8.40
CA HIS A 27 -4.93 3.04 7.62
C HIS A 27 -4.88 2.62 6.16
N LEU A 28 -4.56 1.35 5.92
CA LEU A 28 -4.48 0.82 4.56
C LEU A 28 -5.84 0.83 3.88
N ALA A 29 -6.81 0.16 4.52
CA ALA A 29 -8.16 0.09 3.98
C ALA A 29 -8.67 1.49 3.59
N GLN A 30 -8.44 2.46 4.46
CA GLN A 30 -8.88 3.83 4.21
C GLN A 30 -8.03 4.47 3.11
N HIS A 31 -6.89 3.87 2.83
CA HIS A 31 -5.98 4.39 1.80
C HIS A 31 -6.30 3.76 0.44
N GLN A 32 -6.09 2.45 0.35
CA GLN A 32 -6.35 1.73 -0.89
C GLN A 32 -7.56 2.30 -1.62
N LYS A 33 -8.64 2.52 -0.89
CA LYS A 33 -9.86 3.07 -1.45
C LYS A 33 -9.53 4.12 -2.52
N THR A 34 -8.63 5.03 -2.18
CA THR A 34 -8.24 6.09 -3.10
C THR A 34 -7.69 5.51 -4.41
N HIS A 35 -6.86 4.49 -4.29
CA HIS A 35 -6.26 3.83 -5.45
C HIS A 35 -7.34 3.17 -6.30
N THR A 36 -7.31 3.44 -7.60
CA THR A 36 -8.29 2.87 -8.52
C THR A 36 -7.84 1.49 -8.99
N GLY A 37 -6.55 1.35 -9.26
CA GLY A 37 -6.02 0.08 -9.72
C GLY A 37 -5.91 0.00 -11.23
N GLU A 38 -7.06 0.02 -11.89
CA GLU A 38 -7.10 -0.05 -13.35
C GLU A 38 -6.84 1.32 -13.97
N LYS A 39 -5.79 1.41 -14.78
CA LYS A 39 -5.44 2.66 -15.43
C LYS A 39 -6.43 3.00 -16.54
N PRO A 40 -6.85 4.26 -16.60
CA PRO A 40 -7.80 4.74 -17.61
C PRO A 40 -7.19 4.78 -19.01
N SER A 41 -8.04 4.88 -20.02
CA SER A 41 -7.58 4.92 -21.41
C SER A 41 -7.87 6.29 -22.03
N GLY A 42 -6.95 7.23 -21.84
CA GLY A 42 -7.12 8.57 -22.39
C GLY A 42 -8.52 9.09 -22.18
N PRO A 43 -8.77 9.67 -21.00
CA PRO A 43 -10.08 10.23 -20.64
C PRO A 43 -10.39 11.50 -21.43
N SER A 44 -9.36 12.11 -21.99
CA SER A 44 -9.52 13.35 -22.77
C SER A 44 -9.32 13.07 -24.26
N SER A 45 -8.24 12.37 -24.58
CA SER A 45 -7.92 12.05 -25.97
C SER A 45 -8.84 10.94 -26.49
N GLY A 46 -8.82 9.81 -25.80
CA GLY A 46 -9.65 8.69 -26.21
C GLY A 46 -8.86 7.39 -26.32
N GLY A 1 24.32 -17.97 6.27
CA GLY A 1 23.00 -18.27 6.78
C GLY A 1 22.57 -17.28 7.85
N SER A 2 22.57 -16.00 7.52
CA SER A 2 22.18 -14.97 8.47
C SER A 2 21.05 -14.11 7.90
N SER A 3 19.86 -14.25 8.49
CA SER A 3 18.69 -13.50 8.04
C SER A 3 18.97 -12.01 8.09
N GLY A 4 19.34 -11.51 9.27
CA GLY A 4 19.61 -10.09 9.43
C GLY A 4 19.28 -9.59 10.81
N SER A 5 18.09 -9.02 10.97
CA SER A 5 17.66 -8.49 12.25
C SER A 5 16.16 -8.18 12.24
N SER A 6 15.48 -8.50 13.33
CA SER A 6 14.05 -8.26 13.44
C SER A 6 13.71 -7.61 14.79
N GLY A 7 12.57 -6.93 14.82
CA GLY A 7 12.15 -6.27 16.04
C GLY A 7 11.44 -4.96 15.77
N THR A 8 10.17 -5.05 15.40
CA THR A 8 9.37 -3.85 15.12
C THR A 8 10.06 -2.98 14.06
N GLY A 9 10.58 -3.61 13.02
CA GLY A 9 11.25 -2.88 11.97
C GLY A 9 10.32 -2.49 10.84
N GLU A 10 9.85 -3.49 10.09
CA GLU A 10 8.94 -3.24 8.97
C GLU A 10 7.52 -3.64 9.34
N LYS A 11 6.55 -2.96 8.75
CA LYS A 11 5.14 -3.23 9.01
C LYS A 11 4.61 -4.31 8.06
N PRO A 12 3.72 -5.17 8.58
CA PRO A 12 3.13 -6.26 7.80
C PRO A 12 2.16 -5.75 6.73
N TYR A 13 1.68 -4.53 6.92
CA TYR A 13 0.74 -3.93 5.98
C TYR A 13 1.45 -2.95 5.06
N GLU A 14 1.51 -3.28 3.76
CA GLU A 14 2.17 -2.43 2.78
C GLU A 14 1.41 -2.45 1.45
N CYS A 15 1.36 -1.30 0.80
CA CYS A 15 0.67 -1.18 -0.48
C CYS A 15 1.56 -1.62 -1.62
N LYS A 16 0.96 -1.86 -2.79
CA LYS A 16 1.70 -2.28 -3.97
C LYS A 16 1.83 -1.15 -4.98
N VAL A 17 0.84 -0.25 -4.98
CA VAL A 17 0.84 0.88 -5.90
C VAL A 17 1.84 1.94 -5.45
N CYS A 18 1.54 2.59 -4.33
CA CYS A 18 2.40 3.63 -3.79
C CYS A 18 3.53 3.03 -2.95
N SER A 19 3.36 1.76 -2.57
CA SER A 19 4.36 1.07 -1.75
C SER A 19 4.51 1.75 -0.40
N LYS A 20 3.39 2.02 0.25
CA LYS A 20 3.39 2.67 1.56
C LYS A 20 3.03 1.68 2.66
N ALA A 21 3.81 1.68 3.73
CA ALA A 21 3.57 0.78 4.86
C ALA A 21 2.70 1.45 5.91
N PHE A 22 1.85 0.65 6.55
CA PHE A 22 0.96 1.17 7.59
C PHE A 22 1.10 0.36 8.88
N THR A 23 0.78 1.00 10.00
CA THR A 23 0.87 0.34 11.30
C THR A 23 -0.39 -0.48 11.59
N GLN A 24 -1.52 -0.05 11.01
CA GLN A 24 -2.78 -0.75 11.22
C GLN A 24 -3.40 -1.13 9.88
N LYS A 25 -4.46 -1.95 9.93
CA LYS A 25 -5.14 -2.40 8.73
C LYS A 25 -6.07 -1.31 8.20
N ALA A 26 -6.94 -0.80 9.06
CA ALA A 26 -7.88 0.24 8.69
C ALA A 26 -7.21 1.30 7.83
N HIS A 27 -6.01 1.71 8.23
CA HIS A 27 -5.26 2.72 7.49
C HIS A 27 -5.05 2.29 6.05
N LEU A 28 -4.50 1.09 5.87
CA LEU A 28 -4.24 0.56 4.53
C LEU A 28 -5.54 0.37 3.76
N ALA A 29 -6.48 -0.37 4.35
CA ALA A 29 -7.76 -0.63 3.71
C ALA A 29 -8.41 0.68 3.24
N GLN A 30 -8.43 1.67 4.13
CA GLN A 30 -9.03 2.96 3.81
C GLN A 30 -8.19 3.70 2.77
N HIS A 31 -6.87 3.59 2.90
CA HIS A 31 -5.95 4.25 1.98
C HIS A 31 -6.33 3.94 0.53
N GLN A 32 -6.50 2.66 0.23
CA GLN A 32 -6.86 2.24 -1.11
C GLN A 32 -7.84 3.22 -1.76
N LYS A 33 -8.87 3.58 -1.01
CA LYS A 33 -9.89 4.52 -1.50
C LYS A 33 -9.25 5.59 -2.37
N THR A 34 -8.13 6.15 -1.90
CA THR A 34 -7.43 7.19 -2.63
C THR A 34 -7.08 6.73 -4.04
N HIS A 35 -6.46 5.55 -4.15
CA HIS A 35 -6.08 4.99 -5.44
C HIS A 35 -7.29 4.86 -6.35
N THR A 36 -7.55 5.89 -7.14
CA THR A 36 -8.69 5.89 -8.07
C THR A 36 -8.27 6.38 -9.44
N GLY A 37 -7.10 5.95 -9.89
CA GLY A 37 -6.61 6.37 -11.19
C GLY A 37 -7.63 6.13 -12.29
N GLU A 38 -8.26 4.96 -12.27
CA GLU A 38 -9.26 4.61 -13.28
C GLU A 38 -10.40 5.60 -13.27
N LYS A 39 -10.96 5.86 -12.09
CA LYS A 39 -12.07 6.79 -11.95
C LYS A 39 -13.35 6.20 -12.52
N PRO A 40 -13.73 5.01 -12.03
CA PRO A 40 -14.94 4.32 -12.48
C PRO A 40 -16.21 5.02 -12.01
N SER A 41 -16.06 5.95 -11.09
CA SER A 41 -17.19 6.69 -10.55
C SER A 41 -17.57 7.85 -11.46
N GLY A 42 -16.63 8.79 -11.63
CA GLY A 42 -16.88 9.94 -12.47
C GLY A 42 -18.22 10.59 -12.19
N PRO A 43 -18.36 11.15 -10.98
CA PRO A 43 -19.60 11.82 -10.57
C PRO A 43 -19.83 13.13 -11.32
N SER A 44 -18.76 13.88 -11.54
CA SER A 44 -18.84 15.15 -12.24
C SER A 44 -17.55 15.45 -12.98
N SER A 45 -17.67 16.08 -14.14
CA SER A 45 -16.51 16.43 -14.95
C SER A 45 -16.07 17.86 -14.69
N GLY A 46 -16.08 18.25 -13.42
CA GLY A 46 -15.68 19.61 -13.05
C GLY A 46 -16.13 19.98 -11.65
N GLY A 1 31.13 -14.14 6.26
CA GLY A 1 30.10 -13.12 6.32
C GLY A 1 29.10 -13.37 7.42
N SER A 2 29.41 -12.89 8.62
CA SER A 2 28.54 -13.07 9.77
C SER A 2 27.20 -12.37 9.54
N SER A 3 27.24 -11.06 9.35
CA SER A 3 26.03 -10.27 9.12
C SER A 3 25.16 -10.91 8.04
N GLY A 4 23.85 -10.78 8.19
CA GLY A 4 22.93 -11.35 7.22
C GLY A 4 21.55 -10.71 7.28
N SER A 5 21.49 -9.44 6.91
CA SER A 5 20.22 -8.71 6.92
C SER A 5 20.14 -7.74 5.74
N SER A 6 19.11 -7.92 4.92
CA SER A 6 18.91 -7.06 3.75
C SER A 6 17.46 -6.58 3.67
N GLY A 7 17.23 -5.33 4.03
CA GLY A 7 15.89 -4.78 3.99
C GLY A 7 14.86 -5.68 4.64
N THR A 8 14.58 -5.44 5.91
CA THR A 8 13.62 -6.24 6.65
C THR A 8 12.58 -5.36 7.34
N GLY A 9 11.31 -5.71 7.17
CA GLY A 9 10.24 -4.95 7.78
C GLY A 9 9.17 -5.82 8.40
N GLU A 10 8.63 -5.38 9.53
CA GLU A 10 7.59 -6.14 10.22
C GLU A 10 6.22 -5.52 9.99
N LYS A 11 6.00 -5.00 8.79
CA LYS A 11 4.74 -4.37 8.44
C LYS A 11 3.83 -5.37 7.70
N PRO A 12 2.81 -5.87 8.41
CA PRO A 12 1.86 -6.82 7.84
C PRO A 12 0.94 -6.19 6.79
N TYR A 13 1.06 -4.87 6.64
CA TYR A 13 0.25 -4.14 5.67
C TYR A 13 1.10 -3.18 4.86
N GLU A 14 1.27 -3.47 3.57
CA GLU A 14 2.06 -2.62 2.69
C GLU A 14 1.38 -2.47 1.33
N CYS A 15 1.41 -1.26 0.80
CA CYS A 15 0.79 -0.97 -0.50
C CYS A 15 1.74 -1.34 -1.64
N LYS A 16 1.19 -1.46 -2.84
CA LYS A 16 1.98 -1.80 -4.01
C LYS A 16 2.02 -0.65 -5.01
N VAL A 17 1.03 0.23 -4.91
CA VAL A 17 0.93 1.39 -5.80
C VAL A 17 1.95 2.46 -5.40
N CYS A 18 1.93 2.84 -4.13
CA CYS A 18 2.85 3.86 -3.63
C CYS A 18 3.82 3.25 -2.61
N SER A 19 3.86 1.93 -2.55
CA SER A 19 4.74 1.22 -1.61
C SER A 19 4.61 1.82 -0.21
N LYS A 20 3.47 2.42 0.07
CA LYS A 20 3.22 3.02 1.38
C LYS A 20 2.81 1.96 2.40
N ALA A 21 3.64 1.80 3.42
CA ALA A 21 3.37 0.81 4.47
C ALA A 21 2.64 1.46 5.64
N PHE A 22 1.83 0.66 6.34
CA PHE A 22 1.06 1.14 7.48
C PHE A 22 1.23 0.21 8.67
N THR A 23 0.81 0.69 9.85
CA THR A 23 0.90 -0.10 11.07
C THR A 23 -0.40 -0.84 11.36
N GLN A 24 -1.51 -0.21 10.99
CA GLN A 24 -2.83 -0.81 11.21
C GLN A 24 -3.60 -0.91 9.90
N LYS A 25 -4.23 -2.06 9.67
CA LYS A 25 -5.00 -2.28 8.46
C LYS A 25 -5.98 -1.14 8.22
N ALA A 26 -6.52 -0.60 9.29
CA ALA A 26 -7.47 0.51 9.19
C ALA A 26 -6.91 1.62 8.32
N HIS A 27 -5.63 1.92 8.48
CA HIS A 27 -4.98 2.97 7.71
C HIS A 27 -4.91 2.59 6.23
N LEU A 28 -4.49 1.36 5.97
CA LEU A 28 -4.37 0.86 4.59
C LEU A 28 -5.73 0.85 3.90
N ALA A 29 -6.69 0.15 4.50
CA ALA A 29 -8.04 0.05 3.95
C ALA A 29 -8.58 1.44 3.61
N GLN A 30 -8.27 2.41 4.46
CA GLN A 30 -8.74 3.79 4.25
C GLN A 30 -7.93 4.47 3.16
N HIS A 31 -6.77 3.92 2.85
CA HIS A 31 -5.90 4.48 1.82
C HIS A 31 -6.18 3.84 0.47
N GLN A 32 -5.97 2.53 0.37
CA GLN A 32 -6.21 1.80 -0.87
C GLN A 32 -7.44 2.34 -1.59
N LYS A 33 -8.52 2.54 -0.84
CA LYS A 33 -9.76 3.04 -1.41
C LYS A 33 -9.47 4.08 -2.49
N THR A 34 -8.58 5.02 -2.19
CA THR A 34 -8.21 6.07 -3.12
C THR A 34 -7.74 5.49 -4.45
N HIS A 35 -6.81 4.54 -4.37
CA HIS A 35 -6.27 3.91 -5.57
C HIS A 35 -7.39 3.30 -6.41
N THR A 36 -7.31 3.50 -7.72
CA THR A 36 -8.32 2.99 -8.64
C THR A 36 -8.35 1.46 -8.62
N GLY A 37 -9.44 0.89 -8.11
CA GLY A 37 -9.56 -0.55 -8.05
C GLY A 37 -11.01 -1.00 -7.91
N GLU A 38 -11.90 -0.36 -8.65
CA GLU A 38 -13.32 -0.69 -8.60
C GLU A 38 -14.02 -0.32 -9.90
N LYS A 39 -15.13 -1.00 -10.19
CA LYS A 39 -15.88 -0.73 -11.41
C LYS A 39 -17.10 0.14 -11.10
N PRO A 40 -17.42 1.05 -12.05
CA PRO A 40 -18.57 1.95 -11.90
C PRO A 40 -19.90 1.23 -12.00
N SER A 41 -20.99 1.97 -11.83
CA SER A 41 -22.33 1.40 -11.90
C SER A 41 -22.99 1.72 -13.24
N GLY A 42 -24.19 1.18 -13.44
CA GLY A 42 -24.91 1.42 -14.69
C GLY A 42 -25.58 2.77 -14.70
N PRO A 43 -26.55 2.94 -15.62
CA PRO A 43 -27.29 4.20 -15.76
C PRO A 43 -28.22 4.46 -14.58
N SER A 44 -28.79 3.38 -14.03
CA SER A 44 -29.70 3.50 -12.89
C SER A 44 -29.19 2.68 -11.70
N SER A 45 -29.71 3.00 -10.51
CA SER A 45 -29.30 2.30 -9.30
C SER A 45 -29.63 0.81 -9.40
N GLY A 46 -28.65 -0.03 -9.11
CA GLY A 46 -28.86 -1.47 -9.17
C GLY A 46 -27.56 -2.24 -9.13
#